data_6NSD
#
_entry.id   6NSD
#
_cell.length_a   51.351
_cell.length_b   68.212
_cell.length_c   85.362
_cell.angle_alpha   104.68
_cell.angle_beta   103.77
_cell.angle_gamma   106.42
#
_symmetry.space_group_name_H-M   'P 1'
#
loop_
_entity.id
_entity.type
_entity.pdbx_description
1 polymer 'Tryptophan halogenase'
2 non-polymer 'FLAVIN-ADENINE DINUCLEOTIDE'
3 non-polymer 'SULFATE ION'
4 water water
#
_entity_poly.entity_id   1
_entity_poly.type   'polypeptide(L)'
_entity_poly.pdbx_seq_one_letter_code
;GSHMSVSGSERSAEGNRKKRVVIVGGGTAGWMTASYLTAAFGDRVDLTVVESAQIGTIGVGEATFSDIRHFFEFLRLEES
DWMPECNATYKLAVRFENWREPGHHFYHPFEQMSSVDGFPLSDWWLRNPTTSRFDKDSFVMTSLCDAGVSPRYLDGSLID
QDFVEQERDDDSARSTIAEYQGAQFPYAYHFEAHLLAKYLTGYATRRGTRHIVDNVVDVALDERGWISHVRTEEHGDLEA
DLFVDCTGFRGLLLNKALGEPFVSYQDTLPNDSAVALQVPLDMEREPIRPCTTATAQEAGWIWTIPLISRVGTGYVYASD
YTTPEQAERVLRDFVGPAAADVPANHIKMRIGRSRRSWVNNCVGVGLSSGFVEPLESTGIFFIHHAIEQIVKYFPSGGAG
DDRLRELYNRSVGHVMDGVREFLVLHYRSAKRADNQYWKDTKTRTVPDSLAERIEFWKHKVPDAETVYPYYHGLPPYSYN
CILLGMGGIDVNYSPALDWANEKAALAEFERIRVKAEKLVQELPTQNEYFAAMRAGR
;
_entity_poly.pdbx_strand_id   A,B
#
loop_
_chem_comp.id
_chem_comp.type
_chem_comp.name
_chem_comp.formula
FAD non-polymer 'FLAVIN-ADENINE DINUCLEOTIDE' 'C27 H33 N9 O15 P2'
SO4 non-polymer 'SULFATE ION' 'O4 S -2'
#
# COMPACT_ATOMS: atom_id res chain seq x y z
N LYS A 18 32.57 14.18 -4.25
CA LYS A 18 32.56 15.48 -4.92
C LYS A 18 31.47 16.35 -4.30
N LYS A 19 30.26 15.81 -4.17
CA LYS A 19 29.18 16.56 -3.58
C LYS A 19 29.43 16.73 -2.09
N ARG A 20 29.03 17.88 -1.56
CA ARG A 20 29.34 18.23 -0.19
C ARG A 20 28.04 18.41 0.58
N VAL A 21 27.95 17.73 1.71
CA VAL A 21 26.80 17.84 2.60
C VAL A 21 27.32 18.29 3.94
N VAL A 22 26.76 19.38 4.46
CA VAL A 22 27.09 19.91 5.76
C VAL A 22 25.86 19.73 6.65
N ILE A 23 26.04 18.98 7.73
CA ILE A 23 24.99 18.69 8.70
C ILE A 23 25.23 19.57 9.91
N VAL A 24 24.27 20.42 10.24
CA VAL A 24 24.38 21.31 11.40
C VAL A 24 23.56 20.70 12.53
N GLY A 25 24.24 20.23 13.57
CA GLY A 25 23.55 19.60 14.66
C GLY A 25 24.08 18.22 14.92
N GLY A 26 24.26 17.88 16.19
CA GLY A 26 24.85 16.62 16.55
C GLY A 26 24.01 15.85 17.55
N GLY A 27 22.71 16.06 17.49
CA GLY A 27 21.79 15.23 18.23
C GLY A 27 21.55 13.95 17.47
N THR A 28 20.46 13.27 17.83
CA THR A 28 20.13 12.04 17.14
C THR A 28 19.94 12.29 15.66
N ALA A 29 19.36 13.43 15.29
CA ALA A 29 19.07 13.68 13.88
C ALA A 29 20.36 13.83 13.09
N GLY A 30 21.31 14.61 13.61
CA GLY A 30 22.54 14.83 12.87
C GLY A 30 23.35 13.57 12.65
N TRP A 31 23.48 12.73 13.67
CA TRP A 31 24.34 11.57 13.51
C TRP A 31 23.61 10.44 12.80
N MET A 32 22.28 10.38 12.91
CA MET A 32 21.58 9.45 12.04
C MET A 32 21.76 9.84 10.58
N THR A 33 21.66 11.14 10.28
CA THR A 33 21.87 11.60 8.92
C THR A 33 23.27 11.29 8.44
N ALA A 34 24.29 11.62 9.24
CA ALA A 34 25.67 11.38 8.82
C ALA A 34 25.91 9.90 8.60
N SER A 35 25.51 9.06 9.56
CA SER A 35 25.79 7.64 9.42
CA SER A 35 25.77 7.63 9.44
C SER A 35 25.03 7.04 8.25
N TYR A 36 23.78 7.46 8.04
CA TYR A 36 22.99 6.91 6.94
C TYR A 36 23.59 7.30 5.60
N LEU A 37 23.95 8.57 5.45
CA LEU A 37 24.56 9.01 4.20
C LEU A 37 25.89 8.30 3.97
N THR A 38 26.65 8.06 5.04
CA THR A 38 27.87 7.27 4.93
C THR A 38 27.57 5.87 4.39
N ALA A 39 26.54 5.23 4.92
CA ALA A 39 26.18 3.91 4.45
C ALA A 39 25.66 3.94 3.03
N ALA A 40 24.98 5.02 2.64
CA ALA A 40 24.41 5.08 1.30
C ALA A 40 25.48 5.40 0.26
N PHE A 41 26.36 6.34 0.57
CA PHE A 41 27.25 6.93 -0.40
C PHE A 41 28.72 6.67 -0.12
N GLY A 42 29.07 6.15 1.04
CA GLY A 42 30.47 5.91 1.36
C GLY A 42 31.23 7.21 1.33
N ASP A 43 32.43 7.17 0.76
CA ASP A 43 33.26 8.36 0.63
C ASP A 43 32.97 9.12 -0.66
N ARG A 44 31.95 8.74 -1.42
CA ARG A 44 31.69 9.40 -2.68
C ARG A 44 30.99 10.72 -2.52
N VAL A 45 30.49 11.01 -1.33
CA VAL A 45 29.98 12.32 -0.95
C VAL A 45 30.74 12.74 0.29
N ASP A 46 31.10 14.02 0.35
CA ASP A 46 31.85 14.55 1.47
C ASP A 46 30.89 15.03 2.54
N LEU A 47 31.03 14.51 3.75
CA LEU A 47 30.11 14.81 4.84
C LEU A 47 30.82 15.52 5.97
N THR A 48 30.16 16.53 6.52
CA THR A 48 30.62 17.26 7.69
C THR A 48 29.45 17.40 8.65
N VAL A 49 29.70 17.12 9.92
CA VAL A 49 28.76 17.43 11.00
C VAL A 49 29.39 18.52 11.84
N VAL A 50 28.68 19.61 12.05
CA VAL A 50 29.09 20.64 12.99
CA VAL A 50 29.07 20.65 12.98
C VAL A 50 28.10 20.63 14.15
N GLU A 51 28.61 20.53 15.36
CA GLU A 51 27.71 20.46 16.49
C GLU A 51 28.30 21.22 17.66
N SER A 52 27.42 21.87 18.41
CA SER A 52 27.82 22.74 19.50
C SER A 52 28.13 21.93 20.74
N ALA A 53 29.29 22.20 21.36
CA ALA A 53 29.58 21.62 22.66
C ALA A 53 28.74 22.28 23.74
N GLN A 54 28.33 23.53 23.53
CA GLN A 54 27.63 24.25 24.58
C GLN A 54 26.12 24.02 24.52
N ILE A 55 25.54 24.01 23.33
CA ILE A 55 24.11 23.75 23.19
C ILE A 55 23.91 22.24 23.28
N GLY A 56 23.22 21.79 24.30
CA GLY A 56 23.04 20.37 24.44
C GLY A 56 22.02 19.85 23.47
N THR A 57 21.95 18.52 23.41
CA THR A 57 20.86 17.89 22.68
C THR A 57 19.60 17.95 23.53
N ILE A 58 18.48 17.49 22.95
CA ILE A 58 17.22 17.58 23.68
C ILE A 58 17.21 16.64 24.89
N GLY A 59 18.02 15.59 24.87
CA GLY A 59 18.19 14.74 26.03
C GLY A 59 17.15 13.66 26.20
N VAL A 60 16.23 13.51 25.25
CA VAL A 60 15.22 12.47 25.28
C VAL A 60 15.18 11.85 23.89
N GLY A 61 14.29 10.87 23.72
CA GLY A 61 14.17 10.17 22.45
C GLY A 61 14.82 8.81 22.51
N GLU A 62 14.19 7.89 23.24
CA GLU A 62 14.83 6.63 23.61
C GLU A 62 14.02 5.41 23.20
N ALA A 63 12.93 5.60 22.47
CA ALA A 63 12.16 4.50 21.94
C ALA A 63 11.95 4.71 20.45
N THR A 64 11.83 3.62 19.71
CA THR A 64 11.72 3.70 18.27
C THR A 64 10.47 2.98 17.78
N PHE A 65 10.34 2.96 16.46
CA PHE A 65 9.11 2.57 15.79
C PHE A 65 9.43 1.43 14.80
N SER A 66 8.38 0.88 14.18
CA SER A 66 8.48 -0.32 13.35
C SER A 66 9.41 -0.16 12.14
N ASP A 67 9.79 1.06 11.81
CA ASP A 67 10.75 1.29 10.74
C ASP A 67 12.18 0.88 11.12
N ILE A 68 12.49 0.80 12.41
CA ILE A 68 13.85 1.06 12.85
C ILE A 68 14.83 -0.04 12.43
N ARG A 69 14.36 -1.29 12.27
CA ARG A 69 15.33 -2.32 11.89
C ARG A 69 15.93 -2.05 10.51
N HIS A 70 15.21 -1.33 9.65
CA HIS A 70 15.78 -0.95 8.37
C HIS A 70 17.01 -0.09 8.56
N PHE A 71 16.98 0.80 9.56
CA PHE A 71 18.11 1.72 9.77
C PHE A 71 19.38 0.95 10.08
N PHE A 72 19.32 0.07 11.09
CA PHE A 72 20.53 -0.62 11.49
C PHE A 72 21.00 -1.58 10.41
N GLU A 73 20.07 -2.21 9.70
CA GLU A 73 20.49 -3.13 8.65
C GLU A 73 21.07 -2.35 7.47
N PHE A 74 20.57 -1.14 7.22
CA PHE A 74 21.14 -0.32 6.15
C PHE A 74 22.58 0.03 6.45
N LEU A 75 22.89 0.32 7.72
CA LEU A 75 24.24 0.57 8.16
C LEU A 75 25.08 -0.69 8.24
N ARG A 76 24.48 -1.84 7.95
CA ARG A 76 25.17 -3.15 7.99
C ARG A 76 25.65 -3.47 9.40
N LEU A 77 24.79 -3.20 10.38
CA LEU A 77 25.08 -3.48 11.77
C LEU A 77 24.20 -4.64 12.24
N GLU A 78 24.78 -5.55 13.02
CA GLU A 78 24.04 -6.58 13.72
C GLU A 78 23.66 -6.07 15.10
N GLU A 79 22.63 -6.69 15.69
CA GLU A 79 22.21 -6.25 17.02
C GLU A 79 23.36 -6.35 18.01
N SER A 80 24.18 -7.41 17.93
CA SER A 80 25.31 -7.53 18.85
C SER A 80 26.37 -6.45 18.64
N ASP A 81 26.37 -5.79 17.48
CA ASP A 81 27.34 -4.71 17.24
C ASP A 81 27.04 -3.48 18.09
N TRP A 82 25.76 -3.15 18.29
CA TRP A 82 25.46 -1.84 18.83
C TRP A 82 24.59 -1.88 20.07
N MET A 83 23.78 -2.93 20.25
CA MET A 83 22.85 -2.91 21.39
C MET A 83 23.54 -2.83 22.74
N PRO A 84 24.57 -3.62 23.05
CA PRO A 84 25.21 -3.47 24.37
C PRO A 84 25.80 -2.09 24.57
N GLU A 85 26.40 -1.52 23.52
CA GLU A 85 27.02 -0.21 23.65
C GLU A 85 26.00 0.89 23.91
N CYS A 86 24.73 0.65 23.58
CA CYS A 86 23.69 1.64 23.75
C CYS A 86 22.73 1.29 24.87
N ASN A 87 23.04 0.27 25.66
CA ASN A 87 22.17 -0.21 26.72
C ASN A 87 20.77 -0.49 26.18
N ALA A 88 20.71 -1.04 24.98
CA ALA A 88 19.45 -1.16 24.26
C ALA A 88 18.66 -2.39 24.69
N THR A 89 17.34 -2.27 24.58
CA THR A 89 16.40 -3.34 24.81
C THR A 89 15.42 -3.40 23.64
N TYR A 90 14.59 -4.44 23.65
CA TYR A 90 13.60 -4.62 22.59
C TYR A 90 12.32 -3.88 22.92
N LYS A 91 11.70 -3.34 21.89
CA LYS A 91 10.39 -2.72 22.03
C LYS A 91 9.45 -3.47 21.09
N LEU A 92 8.54 -4.24 21.65
CA LEU A 92 7.62 -5.02 20.85
C LEU A 92 6.27 -4.35 20.68
N ALA A 93 6.01 -3.30 21.46
CA ALA A 93 4.70 -2.67 21.47
C ALA A 93 4.79 -1.42 22.32
N VAL A 94 3.72 -0.63 22.27
CA VAL A 94 3.43 0.36 23.29
C VAL A 94 2.30 -0.19 24.15
N ARG A 95 2.51 -0.13 25.46
CA ARG A 95 1.51 -0.54 26.43
C ARG A 95 0.79 0.71 26.93
N PHE A 96 -0.50 0.80 26.64
CA PHE A 96 -1.31 1.94 27.06
C PHE A 96 -2.04 1.60 28.33
N GLU A 97 -1.77 2.33 29.41
CA GLU A 97 -2.37 2.07 30.71
C GLU A 97 -3.30 3.21 31.09
N ASN A 98 -4.52 2.85 31.52
CA ASN A 98 -5.49 3.78 32.10
C ASN A 98 -6.06 4.78 31.09
N TRP A 99 -5.97 4.50 29.80
CA TRP A 99 -6.59 5.36 28.80
C TRP A 99 -8.07 5.07 28.65
N ARG A 100 -8.43 3.80 28.65
CA ARG A 100 -9.84 3.45 28.59
C ARG A 100 -10.52 3.70 29.93
N GLU A 101 -9.87 3.28 31.00
CA GLU A 101 -10.45 3.28 32.32
C GLU A 101 -9.36 2.87 33.31
N PRO A 102 -9.54 3.16 34.59
CA PRO A 102 -8.49 2.82 35.56
C PRO A 102 -8.24 1.33 35.60
N GLY A 103 -6.96 0.97 35.65
CA GLY A 103 -6.56 -0.42 35.74
C GLY A 103 -6.54 -1.19 34.44
N HIS A 104 -6.96 -0.57 33.34
CA HIS A 104 -6.98 -1.23 32.04
C HIS A 104 -5.70 -0.96 31.28
N HIS A 105 -5.20 -1.97 30.58
CA HIS A 105 -4.10 -1.76 29.66
C HIS A 105 -4.40 -2.51 28.37
N PHE A 106 -3.76 -2.06 27.31
CA PHE A 106 -3.78 -2.74 26.02
C PHE A 106 -2.51 -2.35 25.28
N TYR A 107 -2.24 -3.06 24.20
CA TYR A 107 -1.05 -2.83 23.39
C TYR A 107 -1.38 -2.36 21.98
N HIS A 108 -0.48 -1.57 21.43
CA HIS A 108 -0.32 -1.47 19.98
C HIS A 108 0.95 -2.27 19.64
N PRO A 109 0.85 -3.53 19.22
CA PRO A 109 2.04 -4.35 19.00
C PRO A 109 2.57 -4.21 17.59
N PHE A 110 3.88 -4.48 17.46
CA PHE A 110 4.54 -4.49 16.16
C PHE A 110 4.45 -5.90 15.60
N GLU A 111 3.32 -6.18 14.98
CA GLU A 111 3.01 -7.52 14.54
C GLU A 111 1.84 -7.40 13.56
N GLN A 112 1.99 -7.98 12.38
CA GLN A 112 0.92 -7.91 11.40
C GLN A 112 -0.33 -8.59 11.94
N MET A 113 -1.48 -8.06 11.57
CA MET A 113 -2.76 -8.67 11.94
C MET A 113 -3.25 -9.52 10.78
N SER A 114 -3.58 -10.78 11.07
CA SER A 114 -4.00 -11.65 9.99
C SER A 114 -5.40 -11.27 9.50
N SER A 115 -5.66 -11.57 8.24
CA SER A 115 -7.00 -11.51 7.68
C SER A 115 -7.44 -12.93 7.37
N VAL A 116 -8.73 -13.19 7.57
CA VAL A 116 -9.30 -14.51 7.34
C VAL A 116 -10.48 -14.32 6.41
N ASP A 117 -10.42 -15.00 5.26
CA ASP A 117 -11.52 -14.98 4.28
C ASP A 117 -11.90 -13.55 3.89
N GLY A 118 -10.89 -12.69 3.76
CA GLY A 118 -11.13 -11.33 3.33
C GLY A 118 -11.51 -10.36 4.42
N PHE A 119 -11.55 -10.79 5.68
CA PHE A 119 -11.86 -9.86 6.73
C PHE A 119 -10.75 -9.84 7.77
N PRO A 120 -10.37 -8.67 8.26
CA PRO A 120 -9.31 -8.63 9.27
C PRO A 120 -9.77 -9.31 10.54
N LEU A 121 -8.80 -9.83 11.28
CA LEU A 121 -9.10 -10.53 12.52
C LEU A 121 -9.88 -9.66 13.50
N SER A 122 -9.68 -8.34 13.46
CA SER A 122 -10.42 -7.46 14.36
C SER A 122 -11.92 -7.52 14.10
N ASP A 123 -12.30 -7.67 12.83
CA ASP A 123 -13.71 -7.79 12.48
C ASP A 123 -14.31 -9.06 13.07
N TRP A 124 -13.63 -10.19 12.85
CA TRP A 124 -14.08 -11.45 13.41
C TRP A 124 -14.11 -11.37 14.94
N TRP A 125 -13.11 -10.71 15.53
CA TRP A 125 -13.08 -10.60 16.99
C TRP A 125 -14.29 -9.86 17.50
N LEU A 126 -14.69 -8.79 16.82
CA LEU A 126 -15.87 -8.06 17.26
C LEU A 126 -17.09 -8.96 17.26
N ARG A 127 -17.19 -9.84 16.27
CA ARG A 127 -18.35 -10.71 16.20
C ARG A 127 -18.30 -11.80 17.25
N ASN A 128 -17.12 -12.39 17.44
CA ASN A 128 -16.96 -13.56 18.32
C ASN A 128 -15.64 -13.44 19.07
N PRO A 129 -15.61 -12.62 20.12
CA PRO A 129 -14.36 -12.45 20.88
C PRO A 129 -14.10 -13.67 21.74
N THR A 130 -12.84 -14.10 21.76
CA THR A 130 -12.46 -15.18 22.66
C THR A 130 -12.41 -14.69 24.10
N THR A 131 -11.71 -13.58 24.33
CA THR A 131 -11.66 -12.90 25.61
C THR A 131 -12.04 -11.44 25.38
N SER A 132 -12.09 -10.67 26.47
CA SER A 132 -12.39 -9.25 26.35
C SER A 132 -11.25 -8.42 25.78
N ARG A 133 -10.08 -9.03 25.53
CA ARG A 133 -8.88 -8.30 25.12
C ARG A 133 -8.59 -8.60 23.66
N PHE A 134 -8.93 -7.66 22.78
CA PHE A 134 -8.65 -7.83 21.36
C PHE A 134 -7.16 -8.08 21.13
N ASP A 135 -6.30 -7.30 21.79
CA ASP A 135 -4.86 -7.44 21.56
C ASP A 135 -4.35 -8.81 21.99
N LYS A 136 -4.84 -9.33 23.12
CA LYS A 136 -4.43 -10.67 23.55
C LYS A 136 -4.92 -11.74 22.58
N ASP A 137 -6.14 -11.60 22.06
CA ASP A 137 -6.66 -12.63 21.18
C ASP A 137 -6.04 -12.62 19.81
N SER A 138 -5.50 -11.49 19.35
CA SER A 138 -5.18 -11.35 17.93
C SER A 138 -3.71 -11.21 17.61
N PHE A 139 -2.85 -11.05 18.61
CA PHE A 139 -1.42 -10.84 18.38
C PHE A 139 -0.63 -11.67 19.37
N VAL A 140 0.39 -12.37 18.89
CA VAL A 140 1.21 -13.12 19.81
C VAL A 140 2.05 -12.19 20.67
N MET A 141 2.48 -11.06 20.11
CA MET A 141 3.40 -10.18 20.84
C MET A 141 2.78 -9.65 22.12
N THR A 142 1.45 -9.56 22.18
CA THR A 142 0.79 -9.12 23.40
C THR A 142 1.16 -10.01 24.57
N SER A 143 1.13 -11.31 24.36
CA SER A 143 1.49 -12.24 25.44
C SER A 143 2.95 -12.15 25.81
N LEU A 144 3.83 -11.91 24.84
CA LEU A 144 5.24 -11.73 25.18
C LEU A 144 5.45 -10.53 26.07
N CYS A 145 4.74 -9.43 25.77
CA CYS A 145 4.90 -8.23 26.59
C CYS A 145 4.33 -8.44 27.97
N ASP A 146 3.15 -9.06 28.07
CA ASP A 146 2.56 -9.34 29.37
C ASP A 146 3.48 -10.26 30.18
N ALA A 147 4.10 -11.22 29.53
CA ALA A 147 4.95 -12.18 30.23
C ALA A 147 6.33 -11.64 30.51
N GLY A 148 6.76 -10.60 29.81
CA GLY A 148 8.06 -10.01 30.02
C GLY A 148 9.18 -10.88 29.48
N VAL A 149 9.06 -11.34 28.23
CA VAL A 149 10.09 -12.19 27.63
C VAL A 149 10.64 -11.55 26.37
N SER A 150 11.83 -12.01 26.01
CA SER A 150 12.50 -11.62 24.77
C SER A 150 11.77 -12.20 23.55
N PRO A 151 11.75 -11.47 22.44
CA PRO A 151 11.23 -12.02 21.19
C PRO A 151 12.18 -13.01 20.54
N ARG A 152 13.40 -13.13 21.05
CA ARG A 152 14.39 -14.01 20.47
C ARG A 152 14.81 -15.05 21.49
N TYR A 153 14.97 -16.27 21.01
CA TYR A 153 15.54 -17.34 21.82
C TYR A 153 17.02 -17.07 22.09
N LEU A 154 17.57 -17.76 23.10
CA LEU A 154 18.99 -17.61 23.38
C LEU A 154 19.86 -17.99 22.20
N ASP A 155 19.38 -18.83 21.27
CA ASP A 155 20.17 -19.13 20.08
C ASP A 155 20.08 -18.03 19.03
N GLY A 156 19.36 -16.95 19.31
CA GLY A 156 19.27 -15.82 18.42
C GLY A 156 18.06 -15.81 17.50
N SER A 157 17.33 -16.91 17.43
CA SER A 157 16.25 -17.00 16.45
C SER A 157 15.03 -16.20 16.91
N LEU A 158 14.41 -15.52 15.96
CA LEU A 158 13.16 -14.83 16.25
C LEU A 158 12.03 -15.85 16.32
N ILE A 159 11.02 -15.53 17.12
CA ILE A 159 9.88 -16.44 17.26
C ILE A 159 9.30 -16.90 15.91
N SER A 175 13.93 -4.08 1.27
CA SER A 175 15.12 -3.23 1.32
C SER A 175 14.75 -1.79 1.70
N THR A 176 13.49 -1.40 1.55
CA THR A 176 13.01 -0.08 1.95
C THR A 176 12.40 -0.13 3.35
N ILE A 177 12.22 1.05 3.93
CA ILE A 177 11.55 1.13 5.23
C ILE A 177 10.18 0.46 5.14
N ALA A 178 9.40 0.80 4.11
CA ALA A 178 8.07 0.23 3.98
C ALA A 178 8.11 -1.29 3.96
N GLU A 179 9.10 -1.87 3.28
CA GLU A 179 9.19 -3.32 3.23
C GLU A 179 9.55 -3.91 4.58
N TYR A 180 10.44 -3.24 5.34
CA TYR A 180 10.75 -3.68 6.69
C TYR A 180 9.54 -3.59 7.61
N GLN A 181 8.72 -2.55 7.43
CA GLN A 181 7.53 -2.45 8.27
C GLN A 181 6.52 -3.54 7.93
N GLY A 182 6.65 -4.14 6.75
CA GLY A 182 5.79 -5.22 6.33
C GLY A 182 6.18 -6.59 6.86
N ALA A 183 7.29 -6.68 7.59
CA ALA A 183 7.70 -7.91 8.21
C ALA A 183 6.63 -8.39 9.18
N GLN A 184 6.62 -9.71 9.44
CA GLN A 184 5.66 -10.26 10.38
C GLN A 184 5.80 -9.63 11.76
N PHE A 185 7.03 -9.41 12.22
CA PHE A 185 7.30 -8.82 13.53
C PHE A 185 8.27 -7.66 13.36
N PRO A 186 7.79 -6.51 12.94
CA PRO A 186 8.68 -5.37 12.68
C PRO A 186 8.99 -4.63 13.98
N TYR A 187 9.69 -5.31 14.88
CA TYR A 187 9.88 -4.77 16.21
C TYR A 187 10.88 -3.62 16.22
N ALA A 188 10.98 -3.00 17.38
CA ALA A 188 11.78 -1.79 17.53
C ALA A 188 12.67 -1.90 18.75
N TYR A 189 13.22 -0.78 19.20
CA TYR A 189 14.24 -0.79 20.23
C TYR A 189 13.99 0.34 21.21
N HIS A 190 14.49 0.15 22.43
CA HIS A 190 14.78 1.21 23.36
C HIS A 190 16.29 1.35 23.44
N PHE A 191 16.77 2.57 23.64
CA PHE A 191 18.20 2.74 23.84
C PHE A 191 18.44 4.06 24.54
N GLU A 192 19.64 4.22 25.11
CA GLU A 192 20.04 5.51 25.63
C GLU A 192 20.39 6.41 24.47
N ALA A 193 19.67 7.54 24.36
CA ALA A 193 19.82 8.42 23.21
C ALA A 193 21.27 8.89 23.06
N HIS A 194 21.91 9.31 24.15
CA HIS A 194 23.26 9.83 24.00
C HIS A 194 24.26 8.73 23.62
N LEU A 195 24.02 7.49 24.06
CA LEU A 195 24.92 6.41 23.68
C LEU A 195 24.76 6.04 22.22
N LEU A 196 23.51 6.08 21.71
CA LEU A 196 23.32 5.87 20.28
C LEU A 196 24.03 6.96 19.48
N ALA A 197 23.89 8.22 19.90
CA ALA A 197 24.56 9.30 19.20
C ALA A 197 26.08 9.07 19.18
N LYS A 198 26.65 8.70 20.32
CA LYS A 198 28.09 8.43 20.38
C LYS A 198 28.45 7.28 19.47
N TYR A 199 27.65 6.21 19.49
CA TYR A 199 27.92 5.08 18.62
C TYR A 199 27.94 5.50 17.16
N LEU A 200 26.90 6.23 16.73
CA LEU A 200 26.79 6.67 15.35
C LEU A 200 27.87 7.68 15.00
N THR A 201 28.31 8.48 15.97
CA THR A 201 29.46 9.36 15.73
C THR A 201 30.68 8.55 15.34
N GLY A 202 31.00 7.51 16.12
CA GLY A 202 32.13 6.68 15.77
C GLY A 202 31.96 6.01 14.42
N TYR A 203 30.75 5.51 14.16
CA TYR A 203 30.48 4.85 12.89
C TYR A 203 30.75 5.78 11.71
N ALA A 204 30.23 7.01 11.78
CA ALA A 204 30.33 7.93 10.65
C ALA A 204 31.73 8.52 10.53
N THR A 205 32.35 8.87 11.66
CA THR A 205 33.68 9.48 11.59
C THR A 205 34.73 8.47 11.14
N ARG A 206 34.60 7.20 11.56
CA ARG A 206 35.53 6.19 11.06
C ARG A 206 35.38 5.95 9.57
N ARG A 207 34.25 6.33 8.98
CA ARG A 207 34.02 6.15 7.56
C ARG A 207 34.07 7.46 6.79
N GLY A 208 34.72 8.49 7.33
CA GLY A 208 35.07 9.67 6.57
C GLY A 208 34.31 10.94 6.90
N THR A 209 33.34 10.91 7.81
CA THR A 209 32.62 12.14 8.16
C THR A 209 33.53 13.07 8.95
N ARG A 210 33.63 14.32 8.49
CA ARG A 210 34.35 15.34 9.22
C ARG A 210 33.51 15.80 10.40
N HIS A 211 34.10 15.82 11.58
CA HIS A 211 33.37 16.17 12.80
C HIS A 211 33.96 17.45 13.38
N ILE A 212 33.17 18.52 13.35
CA ILE A 212 33.56 19.83 13.86
C ILE A 212 32.76 20.09 15.13
N VAL A 213 33.43 20.38 16.24
CA VAL A 213 32.73 20.81 17.44
C VAL A 213 32.83 22.33 17.49
N ASP A 214 31.72 23.01 17.25
CA ASP A 214 31.72 24.45 17.10
C ASP A 214 30.27 24.92 17.02
N ASN A 215 30.09 26.22 17.18
CA ASN A 215 28.79 26.87 17.02
C ASN A 215 28.69 27.51 15.65
N VAL A 216 27.58 27.26 14.97
CA VAL A 216 27.23 28.05 13.80
C VAL A 216 26.68 29.38 14.29
N VAL A 217 27.29 30.48 13.86
CA VAL A 217 26.93 31.81 14.36
C VAL A 217 26.28 32.66 13.30
N ASP A 218 26.32 32.26 12.04
CA ASP A 218 25.63 33.00 11.01
C ASP A 218 25.34 32.05 9.86
N VAL A 219 24.20 32.27 9.23
CA VAL A 219 23.84 31.55 8.00
C VAL A 219 23.73 32.60 6.93
N ALA A 220 24.68 32.61 6.00
CA ALA A 220 24.70 33.58 4.92
C ALA A 220 23.94 33.08 3.69
N LEU A 221 23.15 33.96 3.09
CA LEU A 221 22.36 33.65 1.90
C LEU A 221 22.93 34.35 0.67
N ASP A 222 22.82 33.70 -0.48
CA ASP A 222 23.21 34.33 -1.75
C ASP A 222 22.04 35.17 -2.27
N GLU A 223 22.16 35.67 -3.51
CA GLU A 223 21.15 36.60 -4.00
C GLU A 223 19.83 35.89 -4.25
N ARG A 224 19.86 34.61 -4.61
CA ARG A 224 18.63 33.86 -4.87
C ARG A 224 18.03 33.26 -3.61
N GLY A 225 18.57 33.58 -2.44
CA GLY A 225 18.00 33.09 -1.20
C GLY A 225 18.47 31.72 -0.78
N TRP A 226 19.45 31.16 -1.48
CA TRP A 226 20.04 29.90 -1.06
C TRP A 226 21.11 30.17 -0.01
N ILE A 227 21.42 29.14 0.77
CA ILE A 227 22.50 29.29 1.75
C ILE A 227 23.81 29.34 0.99
N SER A 228 24.59 30.40 1.21
CA SER A 228 25.92 30.46 0.60
C SER A 228 26.96 29.79 1.48
N HIS A 229 26.89 30.01 2.79
CA HIS A 229 27.77 29.32 3.72
C HIS A 229 27.16 29.43 5.11
N VAL A 230 27.64 28.58 6.01
CA VAL A 230 27.41 28.77 7.43
C VAL A 230 28.73 29.16 8.06
N ARG A 231 28.67 30.20 8.89
CA ARG A 231 29.84 30.68 9.59
C ARG A 231 29.91 30.03 10.97
N THR A 232 31.05 29.44 11.31
CA THR A 232 31.30 28.92 12.63
C THR A 232 32.19 29.89 13.41
N GLU A 233 32.25 29.68 14.73
CA GLU A 233 33.08 30.55 15.57
C GLU A 233 34.56 30.37 15.28
N GLU A 234 35.03 29.13 15.13
CA GLU A 234 36.45 28.87 15.08
C GLU A 234 36.89 28.06 13.88
N HIS A 235 35.96 27.56 13.05
CA HIS A 235 36.35 26.74 11.92
C HIS A 235 36.03 27.40 10.58
N GLY A 236 35.82 28.71 10.58
CA GLY A 236 35.61 29.44 9.35
C GLY A 236 34.22 29.18 8.80
N ASP A 237 34.09 29.43 7.49
CA ASP A 237 32.82 29.30 6.78
C ASP A 237 32.77 27.96 6.04
N LEU A 238 31.62 27.31 6.13
CA LEU A 238 31.42 26.01 5.51
C LEU A 238 30.47 26.17 4.35
N GLU A 239 30.88 25.71 3.18
CA GLU A 239 30.02 25.65 2.01
C GLU A 239 29.61 24.21 1.77
N ALA A 240 28.52 24.04 1.02
CA ALA A 240 28.01 22.71 0.76
C ALA A 240 27.04 22.76 -0.40
N ASP A 241 26.88 21.62 -1.05
CA ASP A 241 25.78 21.47 -2.00
C ASP A 241 24.46 21.36 -1.28
N LEU A 242 24.47 20.78 -0.08
CA LEU A 242 23.26 20.56 0.68
C LEU A 242 23.58 20.79 2.14
N PHE A 243 22.78 21.64 2.78
CA PHE A 243 22.86 21.84 4.21
C PHE A 243 21.72 21.10 4.87
N VAL A 244 22.02 20.30 5.87
CA VAL A 244 20.98 19.60 6.61
C VAL A 244 20.85 20.29 7.96
N ASP A 245 19.65 20.81 8.22
CA ASP A 245 19.37 21.51 9.48
C ASP A 245 18.97 20.44 10.49
N CYS A 246 19.88 20.09 11.38
CA CYS A 246 19.58 19.19 12.47
C CYS A 246 19.73 19.92 13.80
N THR A 247 19.36 21.20 13.81
CA THR A 247 19.56 22.02 14.99
C THR A 247 18.44 21.91 16.02
N GLY A 248 17.50 21.00 15.85
CA GLY A 248 16.48 20.84 16.87
C GLY A 248 15.35 21.82 16.69
N PHE A 249 14.62 22.06 17.78
CA PHE A 249 13.44 22.92 17.74
C PHE A 249 13.75 24.31 17.21
N ARG A 250 14.99 24.79 17.40
CA ARG A 250 15.30 26.15 16.99
C ARG A 250 15.30 26.31 15.47
N GLY A 251 15.57 25.24 14.72
CA GLY A 251 15.53 25.33 13.27
C GLY A 251 16.36 26.48 12.71
N LEU A 252 17.63 26.52 13.10
CA LEU A 252 18.49 27.66 12.79
C LEU A 252 18.54 27.99 11.30
N LEU A 253 18.59 26.97 10.45
CA LEU A 253 18.72 27.16 9.03
C LEU A 253 17.36 27.25 8.35
N LEU A 254 16.51 26.25 8.59
CA LEU A 254 15.26 26.15 7.85
C LEU A 254 14.28 27.23 8.29
N ASN A 255 14.10 27.40 9.59
CA ASN A 255 13.06 28.30 10.04
C ASN A 255 13.59 29.71 10.27
N LYS A 256 14.77 29.85 10.88
CA LYS A 256 15.31 31.19 11.11
C LYS A 256 15.90 31.77 9.83
N ALA A 257 16.95 31.15 9.32
CA ALA A 257 17.69 31.75 8.19
C ALA A 257 16.84 31.82 6.95
N LEU A 258 16.15 30.74 6.60
CA LEU A 258 15.38 30.74 5.37
C LEU A 258 13.93 31.19 5.58
N GLY A 259 13.53 31.43 6.82
CA GLY A 259 12.20 31.96 7.09
C GLY A 259 11.07 31.02 6.77
N GLU A 260 11.32 29.71 6.70
CA GLU A 260 10.24 28.81 6.32
C GLU A 260 9.20 28.75 7.42
N PRO A 261 7.93 29.00 7.11
CA PRO A 261 6.90 29.02 8.15
C PRO A 261 6.74 27.66 8.78
N PHE A 262 6.39 27.68 10.06
CA PHE A 262 6.06 26.46 10.80
C PHE A 262 4.56 26.38 11.01
N VAL A 263 3.99 25.19 10.80
CA VAL A 263 2.55 24.97 10.88
C VAL A 263 2.24 24.24 12.18
N SER A 264 1.55 24.91 13.09
CA SER A 264 1.23 24.30 14.37
C SER A 264 0.21 23.18 14.22
N TYR A 265 0.40 22.10 14.97
CA TYR A 265 -0.58 21.04 15.12
C TYR A 265 -1.37 21.17 16.42
N GLN A 266 -1.22 22.28 17.15
CA GLN A 266 -1.77 22.37 18.49
C GLN A 266 -3.29 22.47 18.53
N ASP A 267 -3.96 22.79 17.41
CA ASP A 267 -5.42 22.75 17.42
C ASP A 267 -5.93 21.38 17.83
N THR A 268 -5.26 20.34 17.36
CA THR A 268 -5.74 18.98 17.55
C THR A 268 -5.00 18.21 18.64
N LEU A 269 -3.78 18.60 18.96
CA LEU A 269 -2.94 17.92 19.95
C LEU A 269 -2.40 18.98 20.88
N PRO A 270 -3.10 19.26 21.99
CA PRO A 270 -2.70 20.40 22.85
C PRO A 270 -1.46 20.15 23.70
N ASN A 271 -1.02 18.91 23.87
CA ASN A 271 0.15 18.69 24.72
C ASN A 271 1.33 19.45 24.15
N ASP A 272 1.89 20.32 24.98
CA ASP A 272 2.92 21.23 24.51
C ASP A 272 4.18 21.18 25.35
N SER A 273 4.22 20.35 26.39
CA SER A 273 5.30 20.39 27.35
C SER A 273 5.63 18.99 27.79
N ALA A 274 6.81 18.85 28.35
CA ALA A 274 7.21 17.57 28.91
C ALA A 274 8.19 17.83 30.05
N VAL A 275 8.18 16.91 31.00
CA VAL A 275 9.23 16.86 32.00
C VAL A 275 9.75 15.43 32.05
N ALA A 276 11.06 15.27 31.95
CA ALA A 276 11.70 13.97 31.78
C ALA A 276 12.71 13.71 32.89
N LEU A 277 12.89 12.44 33.21
CA LEU A 277 13.90 11.98 34.14
C LEU A 277 14.62 10.77 33.56
N GLN A 278 15.90 10.65 33.90
CA GLN A 278 16.67 9.44 33.65
C GLN A 278 16.90 8.81 35.02
N VAL A 279 16.32 7.64 35.23
CA VAL A 279 16.35 7.08 36.58
C VAL A 279 17.14 5.78 36.60
N PRO A 280 18.32 5.79 37.22
CA PRO A 280 19.09 4.56 37.35
C PRO A 280 18.31 3.57 38.18
N LEU A 281 18.35 2.31 37.77
CA LEU A 281 17.68 1.25 38.50
C LEU A 281 18.50 -0.01 38.38
N ASP A 282 18.33 -0.90 39.35
CA ASP A 282 18.86 -2.26 39.20
C ASP A 282 17.86 -2.98 38.31
N MET A 283 18.07 -2.89 37.00
CA MET A 283 17.18 -3.53 36.04
C MET A 283 17.37 -5.04 36.00
N GLU A 284 18.38 -5.58 36.68
CA GLU A 284 18.54 -7.03 36.79
C GLU A 284 17.65 -7.63 37.87
N ARG A 285 16.91 -6.80 38.62
CA ARG A 285 16.12 -7.31 39.73
C ARG A 285 14.89 -8.10 39.25
N GLU A 286 14.38 -7.78 38.06
CA GLU A 286 13.12 -8.31 37.58
C GLU A 286 13.19 -8.32 36.06
N PRO A 287 12.32 -9.09 35.38
CA PRO A 287 12.34 -9.09 33.90
C PRO A 287 12.07 -7.71 33.35
N ILE A 288 12.87 -7.31 32.37
CA ILE A 288 12.66 -6.05 31.66
C ILE A 288 11.50 -6.23 30.70
N ARG A 289 10.46 -5.41 30.85
CA ARG A 289 9.31 -5.55 29.97
C ARG A 289 9.68 -5.07 28.58
N PRO A 290 9.38 -5.84 27.52
CA PRO A 290 9.78 -5.52 26.16
C PRO A 290 8.84 -4.55 25.45
N CYS A 291 8.52 -3.45 26.13
CA CYS A 291 7.66 -2.45 25.51
C CYS A 291 7.83 -1.12 26.22
N THR A 292 7.40 -0.06 25.55
CA THR A 292 7.24 1.24 26.17
C THR A 292 5.87 1.30 26.82
N THR A 293 5.78 1.92 27.99
CA THR A 293 4.48 2.09 28.64
C THR A 293 4.07 3.54 28.54
N ALA A 294 2.81 3.79 28.17
CA ALA A 294 2.24 5.13 28.10
C ALA A 294 1.07 5.14 29.07
N THR A 295 1.28 5.76 30.24
CA THR A 295 0.28 5.75 31.31
C THR A 295 -0.45 7.08 31.34
N ALA A 296 -1.73 7.05 31.01
CA ALA A 296 -2.51 8.28 30.96
C ALA A 296 -2.58 8.92 32.34
N GLN A 297 -2.50 10.24 32.37
CA GLN A 297 -2.47 11.07 33.57
C GLN A 297 -3.56 12.12 33.45
N GLU A 298 -3.66 12.98 34.48
CA GLU A 298 -4.72 13.97 34.53
C GLU A 298 -4.61 15.01 33.42
N ALA A 299 -3.40 15.30 32.93
CA ALA A 299 -3.23 16.34 31.92
C ALA A 299 -2.31 15.88 30.79
N GLY A 300 -2.27 14.58 30.54
CA GLY A 300 -1.38 14.05 29.52
C GLY A 300 -1.09 12.60 29.83
N TRP A 301 0.17 12.20 29.71
CA TRP A 301 0.51 10.80 29.92
C TRP A 301 2.01 10.70 30.22
N ILE A 302 2.38 9.63 30.88
CA ILE A 302 3.76 9.40 31.29
C ILE A 302 4.33 8.23 30.50
N TRP A 303 5.53 8.41 29.96
CA TRP A 303 6.22 7.31 29.32
C TRP A 303 7.17 6.64 30.28
N THR A 304 7.29 5.31 30.14
CA THR A 304 8.31 4.52 30.80
C THR A 304 9.01 3.72 29.72
N ILE A 305 10.31 3.96 29.57
CA ILE A 305 11.13 3.27 28.59
C ILE A 305 12.22 2.51 29.35
N PRO A 306 12.14 1.18 29.37
CA PRO A 306 13.12 0.39 30.15
C PRO A 306 14.37 0.14 29.31
N LEU A 307 15.52 0.45 29.89
CA LEU A 307 16.82 0.20 29.28
C LEU A 307 17.54 -0.84 30.12
N ILE A 308 18.78 -1.14 29.71
CA ILE A 308 19.53 -2.19 30.40
C ILE A 308 19.85 -1.78 31.84
N SER A 309 20.13 -0.51 32.07
CA SER A 309 20.60 -0.09 33.39
C SER A 309 19.81 1.06 33.98
N ARG A 310 18.74 1.51 33.31
CA ARG A 310 17.94 2.59 33.87
C ARG A 310 16.60 2.61 33.15
N VAL A 311 15.74 3.51 33.59
CA VAL A 311 14.48 3.79 32.92
C VAL A 311 14.50 5.24 32.47
N GLY A 312 14.06 5.48 31.24
CA GLY A 312 13.74 6.83 30.80
C GLY A 312 12.27 7.06 31.04
N THR A 313 11.94 8.18 31.65
CA THR A 313 10.54 8.40 31.98
C THR A 313 10.23 9.89 31.85
N GLY A 314 8.99 10.18 31.49
CA GLY A 314 8.65 11.57 31.29
C GLY A 314 7.16 11.74 31.29
N TYR A 315 6.73 12.95 31.62
CA TYR A 315 5.32 13.30 31.63
C TYR A 315 5.11 14.32 30.52
N VAL A 316 4.37 13.92 29.49
CA VAL A 316 3.95 14.81 28.41
C VAL A 316 2.61 15.41 28.83
N TYR A 317 2.52 16.74 28.82
CA TYR A 317 1.32 17.37 29.36
C TYR A 317 0.98 18.65 28.61
N ALA A 318 -0.23 19.14 28.86
CA ALA A 318 -0.73 20.39 28.28
C ALA A 318 -0.62 21.50 29.33
N SER A 319 0.19 22.51 29.01
CA SER A 319 0.48 23.56 29.99
C SER A 319 -0.78 24.34 30.39
N ASP A 320 -1.81 24.36 29.55
CA ASP A 320 -3.07 24.99 29.94
C ASP A 320 -3.79 24.25 31.05
N TYR A 321 -3.43 22.99 31.32
CA TYR A 321 -4.18 22.21 32.30
C TYR A 321 -3.39 21.90 33.56
N THR A 322 -2.06 22.01 33.53
CA THR A 322 -1.25 21.80 34.71
C THR A 322 0.04 22.58 34.55
N THR A 323 0.70 22.85 35.67
CA THR A 323 1.92 23.63 35.66
C THR A 323 3.15 22.71 35.54
N PRO A 324 4.30 23.26 35.15
CA PRO A 324 5.53 22.45 35.16
C PRO A 324 5.83 21.87 36.52
N GLU A 325 5.63 22.64 37.59
CA GLU A 325 5.89 22.15 38.93
C GLU A 325 4.96 21.01 39.30
N GLN A 326 3.67 21.14 38.99
CA GLN A 326 2.74 20.05 39.28
C GLN A 326 3.08 18.83 38.44
N ALA A 327 3.45 19.04 37.17
CA ALA A 327 3.81 17.91 36.31
C ALA A 327 5.04 17.18 36.85
N GLU A 328 6.05 17.92 37.29
CA GLU A 328 7.23 17.27 37.86
C GLU A 328 6.87 16.50 39.12
N ARG A 329 6.00 17.05 39.94
CA ARG A 329 5.56 16.37 41.16
C ARG A 329 4.84 15.05 40.82
N VAL A 330 3.95 15.08 39.83
CA VAL A 330 3.24 13.88 39.41
C VAL A 330 4.23 12.85 38.89
N LEU A 331 5.20 13.29 38.11
CA LEU A 331 6.20 12.36 37.57
C LEU A 331 7.01 11.73 38.69
N ARG A 332 7.49 12.55 39.63
CA ARG A 332 8.30 12.03 40.71
C ARG A 332 7.51 11.07 41.58
N ASP A 333 6.24 11.38 41.83
CA ASP A 333 5.38 10.47 42.58
C ASP A 333 5.20 9.15 41.84
N PHE A 334 5.02 9.22 40.52
CA PHE A 334 4.85 8.01 39.71
C PHE A 334 6.09 7.13 39.74
N VAL A 335 7.27 7.74 39.65
CA VAL A 335 8.51 6.99 39.68
C VAL A 335 8.82 6.45 41.06
N GLY A 336 8.59 7.27 42.09
CA GLY A 336 8.89 6.84 43.43
C GLY A 336 10.28 7.25 43.87
N PRO A 337 10.72 6.68 45.00
CA PRO A 337 11.97 7.17 45.64
C PRO A 337 13.20 7.07 44.77
N ALA A 338 13.20 6.23 43.73
CA ALA A 338 14.38 6.17 42.88
C ALA A 338 14.64 7.48 42.16
N ALA A 339 13.65 8.36 42.09
CA ALA A 339 13.86 9.64 41.43
C ALA A 339 14.47 10.68 42.36
N ALA A 340 14.76 10.31 43.60
CA ALA A 340 15.32 11.27 44.54
C ALA A 340 16.69 11.72 44.05
N ASP A 341 16.91 13.02 44.07
CA ASP A 341 18.13 13.66 43.60
C ASP A 341 18.37 13.48 42.11
N VAL A 342 17.41 12.97 41.35
CA VAL A 342 17.55 12.95 39.89
C VAL A 342 17.03 14.28 39.36
N PRO A 343 17.81 14.99 38.53
CA PRO A 343 17.34 16.27 37.99
C PRO A 343 16.29 16.11 36.91
N ALA A 344 15.32 17.02 36.90
CA ALA A 344 14.25 17.02 35.91
C ALA A 344 14.66 17.82 34.69
N ASN A 345 14.25 17.35 33.53
CA ASN A 345 14.52 17.98 32.25
C ASN A 345 13.18 18.49 31.74
N HIS A 346 12.95 19.79 31.91
CA HIS A 346 11.73 20.44 31.42
C HIS A 346 11.91 20.86 29.98
N ILE A 347 10.94 20.52 29.14
CA ILE A 347 11.01 20.72 27.71
C ILE A 347 9.74 21.40 27.25
N LYS A 348 9.89 22.48 26.49
CA LYS A 348 8.77 23.06 25.76
C LYS A 348 8.84 22.52 24.34
N MET A 349 7.76 21.88 23.90
CA MET A 349 7.76 21.22 22.60
C MET A 349 7.18 22.15 21.53
N ARG A 350 7.76 22.09 20.33
CA ARG A 350 7.20 22.75 19.16
C ARG A 350 6.45 21.70 18.34
N ILE A 351 5.12 21.78 18.37
CA ILE A 351 4.26 20.72 17.85
C ILE A 351 3.70 21.17 16.51
N GLY A 352 4.07 20.47 15.47
CA GLY A 352 3.64 20.80 14.12
C GLY A 352 4.73 20.43 13.16
N ARG A 353 4.68 21.04 11.98
CA ARG A 353 5.72 20.74 11.01
C ARG A 353 6.04 21.97 10.18
N SER A 354 7.27 21.99 9.68
CA SER A 354 7.62 23.02 8.70
CA SER A 354 7.62 23.01 8.71
C SER A 354 6.73 22.90 7.48
N ARG A 355 6.38 24.05 6.90
CA ARG A 355 5.51 24.03 5.72
C ARG A 355 6.14 23.18 4.62
N ARG A 356 7.43 23.40 4.35
CA ARG A 356 8.27 22.55 3.54
C ARG A 356 9.48 22.21 4.38
N SER A 357 9.93 20.96 4.32
CA SER A 357 11.14 20.62 5.05
C SER A 357 12.40 20.78 4.23
N TRP A 358 12.30 20.79 2.90
CA TRP A 358 13.44 21.00 2.03
C TRP A 358 13.18 22.28 1.25
N VAL A 359 13.98 23.30 1.52
CA VAL A 359 13.82 24.60 0.89
C VAL A 359 15.17 24.97 0.30
N ASN A 360 15.18 25.26 -1.01
CA ASN A 360 16.43 25.59 -1.70
C ASN A 360 17.48 24.50 -1.46
N ASN A 361 18.63 24.85 -0.88
CA ASN A 361 19.66 23.87 -0.55
C ASN A 361 19.71 23.52 0.92
N CYS A 362 18.57 23.54 1.60
CA CYS A 362 18.53 23.24 3.01
C CYS A 362 17.38 22.27 3.29
N VAL A 363 17.68 21.17 3.95
CA VAL A 363 16.64 20.22 4.36
C VAL A 363 16.69 20.06 5.87
N GLY A 364 15.55 20.19 6.52
CA GLY A 364 15.46 20.00 7.96
C GLY A 364 15.21 18.55 8.28
N VAL A 365 15.99 18.00 9.21
CA VAL A 365 15.80 16.62 9.67
C VAL A 365 15.72 16.64 11.18
N GLY A 366 14.73 15.95 11.74
CA GLY A 366 14.56 15.93 13.17
C GLY A 366 13.60 17.01 13.62
N LEU A 367 13.82 17.51 14.84
CA LEU A 367 12.88 18.45 15.43
C LEU A 367 12.76 19.74 14.64
N SER A 368 13.79 20.07 13.85
CA SER A 368 13.72 21.25 13.00
C SER A 368 12.65 21.11 11.91
N SER A 369 12.34 19.89 11.49
CA SER A 369 11.35 19.66 10.46
C SER A 369 9.95 19.59 11.04
N GLY A 370 9.82 19.10 12.25
CA GLY A 370 8.51 18.95 12.83
C GLY A 370 8.58 18.04 14.02
N PHE A 371 7.44 17.95 14.71
CA PHE A 371 7.40 17.11 15.89
C PHE A 371 5.95 16.93 16.29
N VAL A 372 5.60 15.72 16.70
CA VAL A 372 4.37 15.47 17.41
C VAL A 372 4.76 14.72 18.68
N GLU A 373 3.89 14.79 19.69
CA GLU A 373 4.25 14.23 20.98
C GLU A 373 4.61 12.76 20.85
N PRO A 374 5.50 12.25 21.71
CA PRO A 374 6.08 10.91 21.50
C PRO A 374 5.19 9.75 21.93
N LEU A 375 3.88 9.90 21.72
CA LEU A 375 2.95 8.87 22.18
C LEU A 375 3.17 7.54 21.46
N GLU A 376 3.61 7.59 20.21
CA GLU A 376 3.94 6.38 19.47
C GLU A 376 5.40 6.32 19.07
N SER A 377 6.25 7.14 19.69
CA SER A 377 7.68 7.15 19.45
C SER A 377 7.98 7.22 17.95
N THR A 378 7.58 8.35 17.35
CA THR A 378 7.73 8.52 15.91
C THR A 378 8.82 9.51 15.51
N GLY A 379 9.48 10.18 16.45
CA GLY A 379 10.44 11.21 16.07
C GLY A 379 11.61 10.64 15.29
N ILE A 380 12.16 9.54 15.78
CA ILE A 380 13.27 8.94 15.06
C ILE A 380 12.77 8.32 13.76
N PHE A 381 11.53 7.84 13.74
CA PHE A 381 10.94 7.41 12.49
C PHE A 381 10.92 8.54 11.47
N PHE A 382 10.52 9.74 11.90
CA PHE A 382 10.54 10.87 10.99
C PHE A 382 11.96 11.14 10.47
N ILE A 383 12.95 11.07 11.35
CA ILE A 383 14.34 11.26 10.93
C ILE A 383 14.73 10.19 9.92
N HIS A 384 14.40 8.95 10.25
CA HIS A 384 14.78 7.81 9.42
C HIS A 384 14.14 7.92 8.04
N HIS A 385 12.83 8.19 8.01
CA HIS A 385 12.15 8.40 6.74
C HIS A 385 12.77 9.56 5.98
N ALA A 386 13.08 10.64 6.70
CA ALA A 386 13.64 11.81 6.05
C ALA A 386 14.97 11.47 5.37
N ILE A 387 15.83 10.75 6.08
CA ILE A 387 17.15 10.51 5.47
C ILE A 387 17.05 9.49 4.37
N GLU A 388 16.17 8.49 4.48
CA GLU A 388 15.93 7.62 3.34
C GLU A 388 15.46 8.44 2.14
N GLN A 389 14.62 9.44 2.37
CA GLN A 389 14.11 10.26 1.28
C GLN A 389 15.15 11.25 0.77
N ILE A 390 16.07 11.69 1.64
CA ILE A 390 17.19 12.50 1.14
C ILE A 390 17.99 11.72 0.11
N VAL A 391 18.29 10.46 0.41
CA VAL A 391 19.00 9.62 -0.55
C VAL A 391 18.15 9.44 -1.80
N LYS A 392 16.86 9.13 -1.61
CA LYS A 392 15.98 8.89 -2.74
C LYS A 392 15.89 10.09 -3.67
N TYR A 393 15.78 11.30 -3.09
CA TYR A 393 15.60 12.51 -3.89
C TYR A 393 16.86 13.35 -3.95
N PHE A 394 18.01 12.71 -3.81
CA PHE A 394 19.27 13.44 -3.77
C PHE A 394 19.42 14.22 -5.08
N PRO A 395 19.75 15.50 -5.02
CA PRO A 395 19.72 16.34 -6.22
C PRO A 395 20.96 16.16 -7.08
N SER A 396 20.78 16.42 -8.38
CA SER A 396 21.91 16.40 -9.30
C SER A 396 22.63 17.73 -9.41
N GLY A 397 21.97 18.82 -9.04
CA GLY A 397 22.44 20.15 -9.33
C GLY A 397 21.89 20.75 -10.60
N GLY A 398 21.13 19.98 -11.39
CA GLY A 398 20.62 20.41 -12.67
C GLY A 398 19.12 20.22 -12.78
N ALA A 399 18.69 19.96 -14.01
CA ALA A 399 17.27 19.83 -14.31
C ALA A 399 16.64 18.72 -13.48
N GLY A 400 15.38 18.95 -13.10
CA GLY A 400 14.64 18.01 -12.29
C GLY A 400 14.73 18.25 -10.80
N ASP A 401 15.66 19.09 -10.34
CA ASP A 401 15.86 19.23 -8.91
C ASP A 401 14.65 19.86 -8.20
N ASP A 402 13.94 20.79 -8.86
CA ASP A 402 12.75 21.35 -8.22
C ASP A 402 11.67 20.29 -8.03
N ARG A 403 11.51 19.41 -9.02
CA ARG A 403 10.53 18.34 -8.89
C ARG A 403 10.94 17.35 -7.81
N LEU A 404 12.24 17.04 -7.72
CA LEU A 404 12.69 16.15 -6.65
C LEU A 404 12.40 16.76 -5.28
N ARG A 405 12.65 18.05 -5.12
CA ARG A 405 12.35 18.71 -3.85
C ARG A 405 10.86 18.71 -3.55
N GLU A 406 10.05 18.90 -4.60
CA GLU A 406 8.60 18.86 -4.43
C GLU A 406 8.17 17.49 -3.94
N LEU A 407 8.68 16.42 -4.57
CA LEU A 407 8.32 15.08 -4.15
C LEU A 407 8.77 14.82 -2.72
N TYR A 408 10.01 15.23 -2.39
CA TYR A 408 10.49 15.09 -1.03
C TYR A 408 9.53 15.74 -0.05
N ASN A 409 9.18 17.00 -0.30
CA ASN A 409 8.34 17.74 0.64
C ASN A 409 6.98 17.08 0.78
N ARG A 410 6.40 16.61 -0.33
CA ARG A 410 5.12 15.92 -0.24
C ARG A 410 5.24 14.67 0.61
N SER A 411 6.33 13.93 0.43
CA SER A 411 6.49 12.65 1.13
C SER A 411 6.58 12.87 2.63
N VAL A 412 7.42 13.83 3.05
CA VAL A 412 7.57 14.03 4.49
C VAL A 412 6.34 14.71 5.08
N GLY A 413 5.67 15.56 4.29
CA GLY A 413 4.44 16.16 4.79
C GLY A 413 3.35 15.14 5.02
N HIS A 414 3.25 14.15 4.12
CA HIS A 414 2.24 13.10 4.28
C HIS A 414 2.56 12.24 5.49
N VAL A 415 3.83 11.94 5.73
CA VAL A 415 4.16 11.13 6.90
C VAL A 415 3.71 11.84 8.16
N MET A 416 4.05 13.13 8.27
CA MET A 416 3.72 13.82 9.51
C MET A 416 2.21 14.03 9.63
N ASP A 417 1.54 14.36 8.53
CA ASP A 417 0.10 14.57 8.60
C ASP A 417 -0.64 13.28 8.91
N GLY A 418 -0.17 12.16 8.36
CA GLY A 418 -0.79 10.87 8.66
C GLY A 418 -0.57 10.46 10.11
N VAL A 419 0.64 10.61 10.60
CA VAL A 419 0.90 10.32 12.02
C VAL A 419 0.08 11.25 12.92
N ARG A 420 -0.06 12.53 12.54
CA ARG A 420 -0.94 13.41 13.31
C ARG A 420 -2.34 12.82 13.45
N GLU A 421 -2.94 12.37 12.34
CA GLU A 421 -4.26 11.76 12.39
C GLU A 421 -4.27 10.59 13.36
N PHE A 422 -3.27 9.72 13.25
CA PHE A 422 -3.20 8.56 14.12
C PHE A 422 -3.11 8.96 15.59
N LEU A 423 -2.30 9.97 15.91
CA LEU A 423 -2.20 10.40 17.29
C LEU A 423 -3.49 11.00 17.81
N VAL A 424 -4.13 11.84 16.99
CA VAL A 424 -5.42 12.41 17.39
C VAL A 424 -6.40 11.30 17.73
N LEU A 425 -6.37 10.21 16.97
CA LEU A 425 -7.27 9.09 17.23
C LEU A 425 -7.08 8.52 18.64
N HIS A 426 -5.86 8.53 19.18
CA HIS A 426 -5.62 8.05 20.54
C HIS A 426 -6.49 8.82 21.53
N TYR A 427 -6.50 10.16 21.39
CA TYR A 427 -7.27 10.98 22.32
C TYR A 427 -8.75 10.96 22.01
N ARG A 428 -9.09 10.97 20.73
CA ARG A 428 -10.49 11.00 20.34
C ARG A 428 -11.20 9.71 20.69
N SER A 429 -10.47 8.59 20.74
CA SER A 429 -11.13 7.33 21.04
C SER A 429 -10.93 6.86 22.47
N ALA A 430 -10.13 7.58 23.27
CA ALA A 430 -9.94 7.22 24.68
C ALA A 430 -11.26 7.32 25.42
N LYS A 431 -11.60 6.27 26.17
CA LYS A 431 -12.91 6.25 26.82
C LYS A 431 -12.95 7.19 28.01
N ARG A 432 -11.83 7.38 28.70
CA ARG A 432 -11.87 8.12 29.95
C ARG A 432 -12.28 9.57 29.72
N ALA A 433 -13.14 10.06 30.60
CA ALA A 433 -13.67 11.41 30.50
C ALA A 433 -13.87 11.98 31.91
N ASP A 434 -12.91 11.70 32.79
CA ASP A 434 -13.01 11.95 34.22
C ASP A 434 -12.75 13.40 34.62
N ASN A 435 -12.14 14.20 33.76
CA ASN A 435 -11.88 15.59 34.13
C ASN A 435 -11.98 16.42 32.87
N GLN A 436 -11.69 17.73 33.01
CA GLN A 436 -11.85 18.64 31.89
C GLN A 436 -10.91 18.29 30.75
N TYR A 437 -9.66 17.93 31.07
CA TYR A 437 -8.70 17.57 30.05
C TYR A 437 -9.25 16.44 29.18
N TRP A 438 -9.72 15.36 29.81
CA TRP A 438 -10.16 14.21 29.03
C TRP A 438 -11.51 14.44 28.38
N LYS A 439 -12.37 15.26 28.98
CA LYS A 439 -13.59 15.67 28.29
C LYS A 439 -13.24 16.45 27.03
N ASP A 440 -12.24 17.33 27.12
CA ASP A 440 -11.89 18.17 25.98
C ASP A 440 -11.33 17.40 24.80
N THR A 441 -10.81 16.18 25.03
CA THR A 441 -10.36 15.36 23.91
C THR A 441 -11.49 15.03 22.93
N LYS A 442 -12.75 15.09 23.37
CA LYS A 442 -13.92 14.77 22.55
C LYS A 442 -14.55 15.98 21.87
N THR A 443 -14.18 17.20 22.26
CA THR A 443 -14.75 18.40 21.66
C THR A 443 -13.74 19.16 20.84
N ARG A 444 -12.46 18.88 21.02
CA ARG A 444 -11.40 19.59 20.34
C ARG A 444 -11.45 19.31 18.82
N THR A 445 -10.80 20.20 18.07
CA THR A 445 -10.70 20.07 16.62
C THR A 445 -10.19 18.68 16.24
N VAL A 446 -10.84 18.07 15.26
CA VAL A 446 -10.37 16.85 14.62
C VAL A 446 -10.20 17.19 13.15
N PRO A 447 -9.09 16.82 12.52
CA PRO A 447 -8.97 17.04 11.06
C PRO A 447 -10.20 16.47 10.35
N ASP A 448 -10.74 17.25 9.41
CA ASP A 448 -12.02 16.90 8.81
C ASP A 448 -11.99 15.49 8.23
N SER A 449 -10.89 15.12 7.57
CA SER A 449 -10.80 13.80 6.96
C SER A 449 -10.84 12.70 8.00
N LEU A 450 -10.22 12.94 9.17
CA LEU A 450 -10.28 11.96 10.24
C LEU A 450 -11.68 11.83 10.80
N ALA A 451 -12.38 12.96 10.97
CA ALA A 451 -13.76 12.90 11.46
C ALA A 451 -14.63 12.03 10.55
N GLU A 452 -14.44 12.15 9.23
CA GLU A 452 -15.18 11.30 8.31
C GLU A 452 -14.76 9.83 8.45
N ARG A 453 -13.46 9.57 8.59
CA ARG A 453 -13.03 8.19 8.78
C ARG A 453 -13.66 7.58 10.01
N ILE A 454 -13.71 8.35 11.11
CA ILE A 454 -14.25 7.81 12.35
C ILE A 454 -15.70 7.38 12.15
N GLU A 455 -16.45 8.13 11.37
CA GLU A 455 -17.84 7.73 11.12
C GLU A 455 -17.90 6.41 10.34
N PHE A 456 -16.99 6.22 9.38
CA PHE A 456 -16.95 4.93 8.70
C PHE A 456 -16.52 3.81 9.64
N TRP A 457 -15.56 4.09 10.52
CA TRP A 457 -15.00 3.05 11.37
C TRP A 457 -16.02 2.52 12.38
N LYS A 458 -17.08 3.28 12.64
CA LYS A 458 -18.14 2.78 13.49
C LYS A 458 -18.83 1.55 12.88
N HIS A 459 -18.74 1.37 11.56
CA HIS A 459 -19.34 0.23 10.91
C HIS A 459 -18.40 -0.62 10.07
N LYS A 460 -17.19 -0.16 9.78
CA LYS A 460 -16.18 -0.98 9.12
C LYS A 460 -14.86 -0.73 9.82
N VAL A 461 -14.28 -1.78 10.39
CA VAL A 461 -12.99 -1.60 11.06
C VAL A 461 -12.00 -0.97 10.08
N PRO A 462 -11.03 -0.21 10.58
CA PRO A 462 -10.05 0.43 9.69
C PRO A 462 -9.41 -0.57 8.74
N ASP A 463 -9.24 -0.13 7.49
CA ASP A 463 -8.53 -0.92 6.50
C ASP A 463 -7.92 0.06 5.51
N ALA A 464 -7.32 -0.47 4.45
CA ALA A 464 -6.60 0.38 3.49
C ALA A 464 -7.52 1.40 2.83
N GLU A 465 -8.79 1.04 2.61
CA GLU A 465 -9.71 1.94 1.96
C GLU A 465 -10.02 3.17 2.80
N THR A 466 -10.00 3.04 4.13
CA THR A 466 -10.45 4.15 4.96
C THR A 466 -9.34 4.87 5.72
N VAL A 467 -8.15 4.30 5.84
CA VAL A 467 -7.09 5.01 6.54
C VAL A 467 -6.46 6.04 5.60
N TYR A 468 -5.82 7.04 6.21
CA TYR A 468 -5.06 8.06 5.47
C TYR A 468 -4.27 7.39 4.35
N PRO A 469 -4.47 7.82 3.10
CA PRO A 469 -4.10 6.99 1.95
C PRO A 469 -2.64 7.11 1.52
N TYR A 470 -1.90 8.04 2.07
CA TYR A 470 -0.50 8.23 1.73
C TYR A 470 0.36 7.55 2.76
N TYR A 471 1.57 7.17 2.37
CA TYR A 471 2.46 6.51 3.30
C TYR A 471 2.67 7.36 4.55
N HIS A 472 2.42 6.77 5.73
CA HIS A 472 2.77 7.43 6.96
C HIS A 472 3.24 6.43 8.00
N GLY A 473 3.68 5.25 7.57
CA GLY A 473 4.31 4.28 8.43
C GLY A 473 3.37 3.45 9.27
N LEU A 474 2.07 3.60 9.06
CA LEU A 474 1.04 2.98 9.90
C LEU A 474 0.10 2.12 9.07
N PRO A 475 0.27 0.81 9.08
CA PRO A 475 -0.70 -0.07 8.42
C PRO A 475 -2.03 -0.07 9.16
N PRO A 476 -3.09 -0.54 8.52
CA PRO A 476 -4.42 -0.48 9.16
C PRO A 476 -4.51 -1.18 10.50
N TYR A 477 -3.75 -2.25 10.75
CA TYR A 477 -3.87 -2.93 12.03
C TYR A 477 -3.56 -1.99 13.19
N SER A 478 -2.67 -1.03 12.98
CA SER A 478 -2.35 -0.07 14.03
C SER A 478 -3.59 0.70 14.45
N TYR A 479 -4.38 1.14 13.48
CA TYR A 479 -5.61 1.87 13.78
C TYR A 479 -6.59 0.98 14.52
N ASN A 480 -6.69 -0.29 14.12
CA ASN A 480 -7.57 -1.22 14.82
C ASN A 480 -7.17 -1.36 16.29
N CYS A 481 -5.87 -1.50 16.56
CA CYS A 481 -5.42 -1.67 17.94
C CYS A 481 -5.79 -0.47 18.79
N ILE A 482 -5.61 0.73 18.25
CA ILE A 482 -5.92 1.92 19.04
C ILE A 482 -7.43 2.06 19.21
N LEU A 483 -8.17 1.92 18.11
CA LEU A 483 -9.62 2.09 18.17
C LEU A 483 -10.24 1.12 19.17
N LEU A 484 -9.90 -0.17 19.07
CA LEU A 484 -10.51 -1.16 19.94
C LEU A 484 -9.96 -1.07 21.36
N GLY A 485 -8.66 -0.77 21.52
CA GLY A 485 -8.10 -0.70 22.86
C GLY A 485 -8.63 0.47 23.66
N MET A 486 -8.66 1.66 23.05
CA MET A 486 -9.08 2.87 23.75
C MET A 486 -10.53 2.76 24.22
N GLY A 487 -11.37 2.09 23.45
CA GLY A 487 -12.68 1.69 23.91
C GLY A 487 -13.74 2.77 23.93
N GLY A 488 -13.44 3.98 23.45
CA GLY A 488 -14.40 5.06 23.55
C GLY A 488 -15.36 5.20 22.38
N ILE A 489 -15.13 4.50 21.29
CA ILE A 489 -15.99 4.56 20.11
C ILE A 489 -16.53 3.17 19.84
N ASP A 490 -17.85 3.05 19.76
CA ASP A 490 -18.46 1.75 19.47
C ASP A 490 -18.22 1.38 18.01
N VAL A 491 -17.75 0.15 17.78
CA VAL A 491 -17.44 -0.35 16.45
C VAL A 491 -18.27 -1.60 16.19
N ASN A 492 -18.90 -1.67 15.03
CA ASN A 492 -19.72 -2.80 14.64
C ASN A 492 -18.97 -3.70 13.67
N TYR A 493 -19.13 -5.01 13.86
CA TYR A 493 -18.54 -5.93 12.92
C TYR A 493 -19.33 -5.91 11.61
N SER A 494 -18.69 -6.38 10.56
CA SER A 494 -19.29 -6.32 9.22
C SER A 494 -20.51 -7.23 9.16
N PRO A 495 -21.63 -6.76 8.63
CA PRO A 495 -22.83 -7.63 8.52
C PRO A 495 -22.56 -8.92 7.78
N ALA A 496 -21.64 -8.92 6.81
CA ALA A 496 -21.32 -10.14 6.08
C ALA A 496 -20.88 -11.26 7.01
N LEU A 497 -20.26 -10.94 8.15
CA LEU A 497 -19.76 -11.99 9.02
C LEU A 497 -20.89 -12.83 9.63
N ASP A 498 -22.13 -12.30 9.64
CA ASP A 498 -23.25 -13.12 10.08
C ASP A 498 -23.51 -14.30 9.14
N TRP A 499 -23.07 -14.21 7.88
CA TRP A 499 -23.30 -15.27 6.91
C TRP A 499 -22.04 -15.99 6.48
N ALA A 500 -20.87 -15.50 6.85
CA ALA A 500 -19.63 -16.16 6.48
C ALA A 500 -19.32 -17.27 7.48
N ASN A 501 -18.80 -18.38 6.97
CA ASN A 501 -18.42 -19.47 7.86
C ASN A 501 -17.20 -19.06 8.67
N GLU A 502 -17.28 -19.23 9.98
CA GLU A 502 -16.25 -18.75 10.90
C GLU A 502 -15.23 -19.81 11.26
N LYS A 503 -15.25 -20.97 10.59
CA LYS A 503 -14.31 -22.04 10.93
C LYS A 503 -12.86 -21.58 10.81
N ALA A 504 -12.54 -20.91 9.70
CA ALA A 504 -11.16 -20.48 9.50
C ALA A 504 -10.76 -19.43 10.53
N ALA A 505 -11.70 -18.55 10.90
CA ALA A 505 -11.38 -17.52 11.89
C ALA A 505 -11.17 -18.13 13.27
N LEU A 506 -12.04 -19.05 13.68
CA LEU A 506 -11.80 -19.73 14.96
C LEU A 506 -10.47 -20.48 14.94
N ALA A 507 -10.10 -21.04 13.80
CA ALA A 507 -8.83 -21.76 13.71
C ALA A 507 -7.67 -20.80 13.87
N GLU A 508 -7.79 -19.59 13.33
CA GLU A 508 -6.71 -18.62 13.46
C GLU A 508 -6.59 -18.10 14.88
N PHE A 509 -7.72 -17.82 15.53
CA PHE A 509 -7.66 -17.41 16.93
C PHE A 509 -7.03 -18.50 17.79
N GLU A 510 -7.39 -19.75 17.52
CA GLU A 510 -6.81 -20.86 18.27
C GLU A 510 -5.31 -21.00 17.99
N ARG A 511 -4.90 -20.82 16.74
CA ARG A 511 -3.48 -20.92 16.40
C ARG A 511 -2.67 -19.87 17.15
N ILE A 512 -3.20 -18.65 17.24
CA ILE A 512 -2.53 -17.57 17.96
C ILE A 512 -2.48 -17.87 19.44
N ARG A 513 -3.58 -18.37 20.00
CA ARG A 513 -3.62 -18.69 21.42
C ARG A 513 -2.59 -19.76 21.76
N VAL A 514 -2.54 -20.82 20.93
CA VAL A 514 -1.61 -21.92 21.16
C VAL A 514 -0.17 -21.44 21.05
N LYS A 515 0.13 -20.66 20.02
CA LYS A 515 1.49 -20.17 19.82
C LYS A 515 1.91 -19.27 20.98
N ALA A 516 1.02 -18.36 21.39
CA ALA A 516 1.36 -17.45 22.48
C ALA A 516 1.64 -18.20 23.78
N GLU A 517 0.81 -19.19 24.12
CA GLU A 517 1.02 -19.92 25.36
C GLU A 517 2.33 -20.71 25.33
N LYS A 518 2.68 -21.26 24.16
CA LYS A 518 3.96 -21.97 24.02
C LYS A 518 5.12 -21.00 24.16
N LEU A 519 5.06 -19.87 23.45
CA LEU A 519 6.20 -18.96 23.44
C LEU A 519 6.51 -18.41 24.84
N VAL A 520 5.48 -18.08 25.61
CA VAL A 520 5.74 -17.50 26.93
C VAL A 520 6.40 -18.51 27.85
N GLN A 521 6.19 -19.81 27.63
CA GLN A 521 6.84 -20.84 28.43
C GLN A 521 8.29 -21.08 28.03
N GLU A 522 8.67 -20.73 26.81
CA GLU A 522 9.93 -21.12 26.23
C GLU A 522 10.93 -19.99 26.10
N LEU A 523 10.48 -18.77 25.89
CA LEU A 523 11.40 -17.69 25.59
C LEU A 523 12.12 -17.22 26.85
N PRO A 524 13.36 -16.75 26.69
CA PRO A 524 14.09 -16.20 27.82
C PRO A 524 13.62 -14.78 28.14
N THR A 525 14.03 -14.30 29.29
CA THR A 525 13.83 -12.88 29.55
C THR A 525 14.85 -12.07 28.77
N GLN A 526 14.56 -10.78 28.59
CA GLN A 526 15.56 -9.90 27.99
C GLN A 526 16.84 -9.90 28.81
N ASN A 527 16.70 -9.91 30.14
CA ASN A 527 17.86 -9.97 31.02
C ASN A 527 18.79 -11.12 30.65
N GLU A 528 18.24 -12.32 30.53
CA GLU A 528 19.04 -13.48 30.15
C GLU A 528 19.60 -13.32 28.76
N TYR A 529 18.78 -12.85 27.83
CA TYR A 529 19.18 -12.76 26.45
C TYR A 529 20.38 -11.83 26.29
N PHE A 530 20.31 -10.65 26.90
CA PHE A 530 21.39 -9.67 26.73
C PHE A 530 22.58 -9.99 27.59
N ALA A 531 22.38 -10.65 28.74
CA ALA A 531 23.54 -11.14 29.48
C ALA A 531 24.36 -12.08 28.62
N ALA A 532 23.69 -12.97 27.89
CA ALA A 532 24.41 -13.88 26.99
C ALA A 532 25.01 -13.13 25.81
N MET A 533 24.31 -12.10 25.30
CA MET A 533 24.88 -11.29 24.22
C MET A 533 26.18 -10.62 24.64
N ARG A 534 26.20 -10.06 25.86
CA ARG A 534 27.42 -9.44 26.37
C ARG A 534 28.53 -10.47 26.58
N ALA A 535 28.17 -11.67 27.01
CA ALA A 535 29.15 -12.74 27.22
C ALA A 535 29.80 -13.19 25.91
N LYS B 18 -32.22 -13.14 7.09
CA LYS B 18 -31.98 -13.99 5.92
C LYS B 18 -32.12 -13.18 4.63
N LYS B 19 -30.98 -12.80 4.08
CA LYS B 19 -30.93 -11.98 2.89
C LYS B 19 -31.15 -12.78 1.60
N ARG B 20 -31.81 -12.13 0.64
CA ARG B 20 -32.07 -12.69 -0.67
C ARG B 20 -31.42 -11.79 -1.71
N VAL B 21 -30.70 -12.38 -2.66
CA VAL B 21 -30.02 -11.64 -3.71
C VAL B 21 -30.53 -12.15 -5.05
N VAL B 22 -30.95 -11.23 -5.90
CA VAL B 22 -31.38 -11.56 -7.25
C VAL B 22 -30.38 -10.95 -8.22
N ILE B 23 -29.78 -11.79 -9.03
CA ILE B 23 -28.82 -11.39 -10.05
C ILE B 23 -29.52 -11.42 -11.38
N VAL B 24 -29.57 -10.28 -12.07
CA VAL B 24 -30.18 -10.20 -13.38
C VAL B 24 -29.06 -10.19 -14.40
N GLY B 25 -28.96 -11.26 -15.18
CA GLY B 25 -27.93 -11.39 -16.19
C GLY B 25 -27.14 -12.67 -16.00
N GLY B 26 -26.85 -13.36 -17.09
CA GLY B 26 -26.18 -14.63 -17.04
C GLY B 26 -24.95 -14.67 -17.92
N GLY B 27 -24.31 -13.51 -18.08
CA GLY B 27 -23.01 -13.44 -18.69
C GLY B 27 -21.94 -13.77 -17.67
N THR B 28 -20.71 -13.41 -18.00
CA THR B 28 -19.63 -13.67 -17.06
C THR B 28 -19.89 -12.95 -15.75
N ALA B 29 -20.47 -11.75 -15.80
CA ALA B 29 -20.66 -11.00 -14.56
C ALA B 29 -21.67 -11.69 -13.66
N GLY B 30 -22.78 -12.14 -14.24
CA GLY B 30 -23.81 -12.79 -13.43
C GLY B 30 -23.33 -14.06 -12.76
N TRP B 31 -22.62 -14.91 -13.51
CA TRP B 31 -22.23 -16.19 -12.93
C TRP B 31 -20.98 -16.08 -12.06
N MET B 32 -20.10 -15.13 -12.33
CA MET B 32 -19.05 -14.87 -11.36
C MET B 32 -19.65 -14.38 -10.05
N THR B 33 -20.64 -13.50 -10.13
CA THR B 33 -21.28 -13.02 -8.91
C THR B 33 -21.94 -14.15 -8.14
N ALA B 34 -22.74 -14.99 -8.83
CA ALA B 34 -23.42 -16.07 -8.16
C ALA B 34 -22.44 -17.05 -7.55
N SER B 35 -21.41 -17.44 -8.31
CA SER B 35 -20.46 -18.41 -7.79
CA SER B 35 -20.45 -18.40 -7.79
C SER B 35 -19.67 -17.82 -6.62
N TYR B 36 -19.24 -16.57 -6.73
CA TYR B 36 -18.45 -15.97 -5.66
C TYR B 36 -19.28 -15.85 -4.38
N LEU B 37 -20.53 -15.38 -4.51
CA LEU B 37 -21.40 -15.28 -3.35
C LEU B 37 -21.68 -16.67 -2.76
N THR B 38 -21.86 -17.67 -3.61
CA THR B 38 -21.98 -19.04 -3.13
C THR B 38 -20.76 -19.45 -2.31
N ALA B 39 -19.56 -19.14 -2.81
CA ALA B 39 -18.35 -19.49 -2.07
C ALA B 39 -18.24 -18.69 -0.78
N ALA B 40 -18.73 -17.45 -0.77
CA ALA B 40 -18.60 -16.61 0.43
C ALA B 40 -19.62 -16.99 1.50
N PHE B 41 -20.87 -17.23 1.09
CA PHE B 41 -21.96 -17.33 2.04
C PHE B 41 -22.63 -18.70 2.05
N GLY B 42 -22.29 -19.58 1.11
CA GLY B 42 -22.91 -20.90 1.11
C GLY B 42 -24.41 -20.79 0.99
N ASP B 43 -25.13 -21.61 1.76
CA ASP B 43 -26.58 -21.56 1.73
C ASP B 43 -27.13 -20.52 2.68
N ARG B 44 -26.27 -19.72 3.31
CA ARG B 44 -26.75 -18.75 4.29
C ARG B 44 -27.30 -17.48 3.65
N VAL B 45 -27.12 -17.29 2.35
CA VAL B 45 -27.78 -16.22 1.59
C VAL B 45 -28.47 -16.87 0.41
N ASP B 46 -29.69 -16.41 0.10
CA ASP B 46 -30.49 -16.96 -0.99
C ASP B 46 -30.11 -16.26 -2.28
N LEU B 47 -29.70 -17.03 -3.28
CA LEU B 47 -29.25 -16.47 -4.55
C LEU B 47 -30.13 -16.96 -5.68
N THR B 48 -30.51 -16.04 -6.56
CA THR B 48 -31.25 -16.34 -7.78
C THR B 48 -30.59 -15.60 -8.93
N VAL B 49 -30.37 -16.30 -10.03
CA VAL B 49 -29.93 -15.69 -11.28
C VAL B 49 -31.08 -15.79 -12.26
N VAL B 50 -31.49 -14.66 -12.81
CA VAL B 50 -32.45 -14.67 -13.91
C VAL B 50 -31.70 -14.20 -15.16
N GLU B 51 -31.74 -15.01 -16.20
CA GLU B 51 -31.01 -14.68 -17.43
C GLU B 51 -31.88 -14.99 -18.63
N SER B 52 -31.75 -14.15 -19.65
CA SER B 52 -32.57 -14.26 -20.85
C SER B 52 -32.03 -15.30 -21.81
N ALA B 53 -32.91 -16.15 -22.33
CA ALA B 53 -32.54 -17.04 -23.43
C ALA B 53 -32.42 -16.28 -24.75
N GLN B 54 -33.14 -15.16 -24.89
CA GLN B 54 -33.14 -14.45 -26.16
CA GLN B 54 -33.15 -14.43 -26.16
C GLN B 54 -31.95 -13.51 -26.29
N ILE B 55 -31.60 -12.83 -25.19
CA ILE B 55 -30.56 -11.81 -25.22
C ILE B 55 -29.21 -12.49 -24.96
N GLY B 56 -28.32 -12.40 -25.94
CA GLY B 56 -27.03 -13.03 -25.83
C GLY B 56 -26.10 -12.28 -24.89
N THR B 57 -25.00 -12.93 -24.57
CA THR B 57 -23.93 -12.29 -23.82
C THR B 57 -23.04 -11.50 -24.78
N ILE B 58 -22.06 -10.80 -24.22
CA ILE B 58 -21.24 -9.96 -25.08
C ILE B 58 -20.35 -10.80 -25.99
N GLY B 59 -20.06 -12.05 -25.59
CA GLY B 59 -19.38 -12.99 -26.45
C GLY B 59 -17.88 -12.90 -26.48
N VAL B 60 -17.28 -12.03 -25.68
CA VAL B 60 -15.84 -11.86 -25.57
C VAL B 60 -15.49 -11.77 -24.09
N GLY B 61 -14.22 -11.53 -23.79
CA GLY B 61 -13.75 -11.49 -22.42
C GLY B 61 -13.02 -12.77 -22.09
N GLU B 62 -11.82 -12.92 -22.65
CA GLU B 62 -11.13 -14.19 -22.63
C GLU B 62 -9.74 -14.12 -22.02
N ALA B 63 -9.32 -12.97 -21.51
CA ALA B 63 -8.05 -12.84 -20.83
C ALA B 63 -8.29 -12.17 -19.49
N THR B 64 -7.45 -12.49 -18.52
CA THR B 64 -7.66 -11.98 -17.17
C THR B 64 -6.42 -11.25 -16.68
N PHE B 65 -6.50 -10.81 -15.44
CA PHE B 65 -5.54 -9.90 -14.85
C PHE B 65 -4.98 -10.53 -13.58
N SER B 66 -4.00 -9.87 -12.97
CA SER B 66 -3.23 -10.42 -11.85
C SER B 66 -4.07 -10.73 -10.61
N ASP B 67 -5.31 -10.27 -10.55
CA ASP B 67 -6.21 -10.61 -9.45
C ASP B 67 -6.70 -12.05 -9.51
N ILE B 68 -6.67 -12.66 -10.70
CA ILE B 68 -7.64 -13.71 -10.99
C ILE B 68 -7.43 -14.98 -10.17
N ARG B 69 -6.19 -15.27 -9.75
CA ARG B 69 -6.01 -16.51 -9.00
C ARG B 69 -6.78 -16.47 -7.68
N HIS B 70 -7.02 -15.28 -7.14
CA HIS B 70 -7.84 -15.17 -5.93
C HIS B 70 -9.24 -15.69 -6.18
N PHE B 71 -9.79 -15.41 -7.36
CA PHE B 71 -11.16 -15.82 -7.65
C PHE B 71 -11.29 -17.35 -7.59
N PHE B 72 -10.46 -18.06 -8.36
CA PHE B 72 -10.59 -19.50 -8.38
C PHE B 72 -10.22 -20.13 -7.06
N GLU B 73 -9.24 -19.58 -6.35
CA GLU B 73 -8.94 -20.13 -5.04
C GLU B 73 -10.05 -19.84 -4.04
N PHE B 74 -10.72 -18.70 -4.17
CA PHE B 74 -11.84 -18.41 -3.29
C PHE B 74 -12.96 -19.42 -3.49
N LEU B 75 -13.19 -19.83 -4.74
CA LEU B 75 -14.18 -20.84 -5.04
C LEU B 75 -13.72 -22.23 -4.64
N ARG B 76 -12.48 -22.34 -4.15
CA ARG B 76 -11.87 -23.60 -3.71
C ARG B 76 -11.72 -24.56 -4.89
N LEU B 77 -11.32 -24.00 -6.03
CA LEU B 77 -11.10 -24.76 -7.26
C LEU B 77 -9.62 -24.85 -7.56
N GLU B 78 -9.19 -26.03 -7.98
CA GLU B 78 -7.83 -26.22 -8.48
C GLU B 78 -7.83 -26.01 -9.98
N GLU B 79 -6.65 -25.71 -10.53
CA GLU B 79 -6.56 -25.48 -11.96
C GLU B 79 -7.03 -26.69 -12.75
N SER B 80 -6.72 -27.90 -12.28
CA SER B 80 -7.17 -29.07 -13.03
C SER B 80 -8.68 -29.22 -12.99
N ASP B 81 -9.36 -28.59 -12.03
CA ASP B 81 -10.81 -28.67 -11.96
C ASP B 81 -11.47 -27.96 -13.13
N TRP B 82 -10.91 -26.83 -13.56
CA TRP B 82 -11.68 -25.98 -14.46
C TRP B 82 -10.95 -25.65 -15.77
N MET B 83 -9.62 -25.65 -15.75
CA MET B 83 -8.91 -25.21 -16.96
C MET B 83 -9.20 -26.08 -18.17
N PRO B 84 -9.16 -27.41 -18.10
CA PRO B 84 -9.49 -28.19 -19.31
C PRO B 84 -10.89 -27.93 -19.81
N GLU B 85 -11.86 -27.79 -18.90
CA GLU B 85 -13.24 -27.57 -19.31
C GLU B 85 -13.43 -26.21 -19.99
N CYS B 86 -12.54 -25.25 -19.74
CA CYS B 86 -12.66 -23.91 -20.29
C CYS B 86 -11.64 -23.64 -21.39
N ASN B 87 -10.94 -24.67 -21.85
CA ASN B 87 -9.88 -24.54 -22.85
C ASN B 87 -8.87 -23.47 -22.44
N ALA B 88 -8.57 -23.42 -21.16
CA ALA B 88 -7.81 -22.33 -20.56
C ALA B 88 -6.31 -22.51 -20.74
N THR B 89 -5.62 -21.38 -20.81
CA THR B 89 -4.16 -21.35 -20.87
C THR B 89 -3.65 -20.32 -19.87
N TYR B 90 -2.33 -20.26 -19.71
CA TYR B 90 -1.73 -19.32 -18.79
C TYR B 90 -1.45 -17.99 -19.45
N LYS B 91 -1.64 -16.91 -18.70
CA LYS B 91 -1.29 -15.57 -19.15
C LYS B 91 -0.29 -15.02 -18.16
N LEU B 92 0.96 -14.89 -18.59
CA LEU B 92 2.03 -14.39 -17.73
C LEU B 92 2.30 -12.91 -17.94
N ALA B 93 1.74 -12.32 -19.00
CA ALA B 93 2.05 -10.95 -19.35
C ALA B 93 1.13 -10.52 -20.49
N VAL B 94 1.16 -9.23 -20.79
CA VAL B 94 0.72 -8.71 -22.08
C VAL B 94 1.95 -8.39 -22.91
N ARG B 95 1.96 -8.87 -24.14
CA ARG B 95 3.04 -8.58 -25.08
C ARG B 95 2.57 -7.44 -25.98
N PHE B 96 3.26 -6.30 -25.90
CA PHE B 96 2.92 -5.13 -26.70
C PHE B 96 3.83 -5.08 -27.92
N GLU B 97 3.23 -5.15 -29.10
CA GLU B 97 3.97 -5.15 -30.36
C GLU B 97 3.68 -3.86 -31.13
N ASN B 98 4.73 -3.23 -31.63
CA ASN B 98 4.66 -2.10 -32.57
C ASN B 98 4.09 -0.83 -31.93
N TRP B 99 4.12 -0.72 -30.60
CA TRP B 99 3.67 0.52 -29.96
C TRP B 99 4.77 1.57 -29.94
N ARG B 100 6.00 1.16 -29.66
CA ARG B 100 7.11 2.10 -29.67
C ARG B 100 7.51 2.43 -31.09
N GLU B 101 7.61 1.41 -31.93
CA GLU B 101 8.13 1.50 -33.29
C GLU B 101 7.91 0.16 -33.96
N PRO B 102 7.95 0.12 -35.29
CA PRO B 102 7.69 -1.15 -35.98
C PRO B 102 8.69 -2.23 -35.58
N GLY B 103 8.18 -3.43 -35.34
CA GLY B 103 9.00 -4.57 -35.01
C GLY B 103 9.44 -4.66 -33.57
N HIS B 104 9.11 -3.67 -32.73
CA HIS B 104 9.52 -3.68 -31.34
C HIS B 104 8.42 -4.34 -30.51
N HIS B 105 8.82 -5.14 -29.54
CA HIS B 105 7.87 -5.65 -28.57
C HIS B 105 8.46 -5.53 -27.17
N PHE B 106 7.55 -5.49 -26.19
CA PHE B 106 7.93 -5.52 -24.78
C PHE B 106 6.77 -6.10 -24.00
N TYR B 107 7.02 -6.43 -22.73
CA TYR B 107 6.01 -7.05 -21.89
C TYR B 107 5.63 -6.16 -20.72
N HIS B 108 4.37 -6.28 -20.29
CA HIS B 108 4.01 -5.96 -18.92
C HIS B 108 3.80 -7.29 -18.19
N PRO B 109 4.79 -7.81 -17.48
CA PRO B 109 4.65 -9.15 -16.90
C PRO B 109 4.00 -9.09 -15.53
N PHE B 110 3.40 -10.23 -15.17
CA PHE B 110 2.81 -10.42 -13.86
C PHE B 110 3.88 -11.00 -12.95
N GLU B 111 4.71 -10.11 -12.42
CA GLU B 111 5.89 -10.50 -11.67
C GLU B 111 6.38 -9.26 -10.95
N GLN B 112 6.60 -9.37 -9.64
CA GLN B 112 7.08 -8.23 -8.87
C GLN B 112 8.45 -7.80 -9.35
N MET B 113 8.68 -6.50 -9.28
CA MET B 113 9.98 -5.93 -9.61
C MET B 113 10.79 -5.73 -8.34
N SER B 114 12.02 -6.23 -8.32
CA SER B 114 12.79 -6.12 -7.10
C SER B 114 13.28 -4.68 -6.92
N SER B 115 13.54 -4.34 -5.66
CA SER B 115 14.23 -3.11 -5.32
C SER B 115 15.60 -3.50 -4.78
N VAL B 116 16.61 -2.69 -5.09
CA VAL B 116 17.96 -2.92 -4.62
C VAL B 116 18.43 -1.64 -3.93
N ASP B 117 18.80 -1.76 -2.66
CA ASP B 117 19.34 -0.65 -1.88
C ASP B 117 18.43 0.56 -1.93
N GLY B 118 17.11 0.31 -1.86
CA GLY B 118 16.14 1.37 -1.82
C GLY B 118 15.72 1.95 -3.16
N PHE B 119 16.23 1.43 -4.27
CA PHE B 119 15.80 1.91 -5.56
C PHE B 119 15.26 0.77 -6.40
N PRO B 120 14.16 0.98 -7.11
CA PRO B 120 13.62 -0.09 -7.96
C PRO B 120 14.59 -0.44 -9.06
N LEU B 121 14.50 -1.69 -9.51
CA LEU B 121 15.40 -2.17 -10.55
C LEU B 121 15.32 -1.31 -11.81
N SER B 122 14.17 -0.70 -12.09
CA SER B 122 14.05 0.15 -13.27
C SER B 122 15.00 1.34 -13.19
N ASP B 123 15.20 1.88 -11.99
CA ASP B 123 16.11 3.01 -11.81
C ASP B 123 17.55 2.57 -12.11
N TRP B 124 17.96 1.46 -11.51
CA TRP B 124 19.29 0.92 -11.79
C TRP B 124 19.46 0.59 -13.26
N TRP B 125 18.42 0.03 -13.87
CA TRP B 125 18.51 -0.31 -15.29
C TRP B 125 18.71 0.93 -16.14
N LEU B 126 18.00 2.02 -15.84
CA LEU B 126 18.18 3.26 -16.62
C LEU B 126 19.62 3.74 -16.55
N ARG B 127 20.27 3.57 -15.41
CA ARG B 127 21.65 4.02 -15.27
C ARG B 127 22.63 3.07 -15.93
N ASN B 128 22.42 1.76 -15.78
CA ASN B 128 23.37 0.77 -16.28
C ASN B 128 22.59 -0.42 -16.83
N PRO B 129 22.07 -0.29 -18.05
CA PRO B 129 21.28 -1.38 -18.63
C PRO B 129 22.16 -2.55 -19.04
N THR B 130 21.69 -3.76 -18.75
CA THR B 130 22.39 -4.94 -19.22
C THR B 130 22.19 -5.12 -20.72
N THR B 131 20.94 -5.07 -21.18
CA THR B 131 20.57 -5.07 -22.59
C THR B 131 19.66 -3.89 -22.85
N SER B 132 19.24 -3.74 -24.11
CA SER B 132 18.30 -2.66 -24.42
C SER B 132 16.88 -2.95 -23.95
N ARG B 133 16.60 -4.13 -23.40
CA ARG B 133 15.24 -4.53 -23.07
C ARG B 133 15.07 -4.53 -21.56
N PHE B 134 14.44 -3.47 -21.03
CA PHE B 134 14.20 -3.41 -19.59
C PHE B 134 13.46 -4.64 -19.10
N ASP B 135 12.41 -5.04 -19.83
CA ASP B 135 11.59 -6.18 -19.40
C ASP B 135 12.40 -7.46 -19.36
N LYS B 136 13.27 -7.67 -20.35
CA LYS B 136 14.10 -8.87 -20.38
CA LYS B 136 14.11 -8.86 -20.39
C LYS B 136 15.12 -8.86 -19.25
N ASP B 137 15.68 -7.70 -18.93
CA ASP B 137 16.69 -7.63 -17.88
C ASP B 137 16.11 -7.74 -16.49
N SER B 138 14.84 -7.39 -16.28
CA SER B 138 14.36 -7.17 -14.94
C SER B 138 13.32 -8.17 -14.47
N PHE B 139 12.80 -9.03 -15.36
CA PHE B 139 11.75 -9.98 -15.00
C PHE B 139 12.04 -11.32 -15.65
N VAL B 140 11.92 -12.40 -14.87
CA VAL B 140 12.14 -13.71 -15.49
C VAL B 140 10.99 -14.07 -16.43
N MET B 141 9.78 -13.61 -16.14
CA MET B 141 8.62 -14.02 -16.92
C MET B 141 8.76 -13.60 -18.38
N THR B 142 9.52 -12.53 -18.63
CA THR B 142 9.73 -12.09 -20.00
C THR B 142 10.36 -13.19 -20.84
N SER B 143 11.37 -13.85 -20.28
CA SER B 143 12.04 -14.92 -20.99
C SER B 143 11.12 -16.12 -21.17
N LEU B 144 10.26 -16.40 -20.18
CA LEU B 144 9.30 -17.50 -20.35
C LEU B 144 8.34 -17.21 -21.49
N CYS B 145 7.88 -15.97 -21.60
CA CYS B 145 6.98 -15.63 -22.69
C CYS B 145 7.69 -15.69 -24.03
N ASP B 146 8.90 -15.13 -24.11
CA ASP B 146 9.66 -15.20 -25.36
C ASP B 146 9.90 -16.64 -25.77
N ALA B 147 10.18 -17.51 -24.79
CA ALA B 147 10.48 -18.90 -25.08
C ALA B 147 9.24 -19.76 -25.28
N GLY B 148 8.08 -19.30 -24.82
CA GLY B 148 6.86 -20.05 -24.99
C GLY B 148 6.76 -21.26 -24.09
N VAL B 149 7.04 -21.09 -22.80
CA VAL B 149 7.00 -22.20 -21.86
C VAL B 149 5.96 -21.96 -20.77
N SER B 150 5.56 -23.06 -20.16
CA SER B 150 4.66 -23.02 -19.02
C SER B 150 5.37 -22.46 -17.79
N PRO B 151 4.66 -21.71 -16.93
CA PRO B 151 5.24 -21.28 -15.65
C PRO B 151 5.32 -22.40 -14.63
N ARG B 152 4.74 -23.53 -14.94
CA ARG B 152 4.72 -24.66 -14.02
C ARG B 152 5.40 -25.85 -14.66
N TYR B 153 6.19 -26.53 -13.86
CA TYR B 153 6.78 -27.80 -14.25
C TYR B 153 5.71 -28.86 -14.35
N LEU B 154 6.06 -29.97 -15.02
CA LEU B 154 5.13 -31.09 -15.13
C LEU B 154 4.73 -31.66 -13.77
N ASP B 155 5.55 -31.48 -12.74
CA ASP B 155 5.11 -31.95 -11.43
C ASP B 155 4.13 -31.01 -10.77
N GLY B 156 3.73 -29.93 -11.46
CA GLY B 156 2.75 -29.00 -10.96
C GLY B 156 3.31 -27.80 -10.24
N SER B 157 4.59 -27.79 -9.91
CA SER B 157 5.15 -26.75 -9.08
C SER B 157 5.38 -25.48 -9.91
N LEU B 158 5.09 -24.34 -9.29
CA LEU B 158 5.39 -23.06 -9.91
C LEU B 158 6.89 -22.81 -9.80
N ILE B 159 7.43 -22.06 -10.77
CA ILE B 159 8.86 -21.74 -10.81
C ILE B 159 9.38 -21.21 -9.47
N SER B 175 -5.16 -13.55 1.43
CA SER B 175 -6.54 -13.98 1.31
C SER B 175 -7.41 -12.99 0.52
N THR B 176 -6.98 -11.73 0.43
CA THR B 176 -7.68 -10.73 -0.37
C THR B 176 -7.11 -10.67 -1.77
N ILE B 177 -7.84 -10.02 -2.68
CA ILE B 177 -7.33 -9.80 -4.03
C ILE B 177 -5.98 -9.11 -3.95
N ALA B 178 -5.90 -8.04 -3.15
CA ALA B 178 -4.67 -7.27 -3.06
C ALA B 178 -3.50 -8.15 -2.64
N GLU B 179 -3.74 -9.07 -1.71
CA GLU B 179 -2.66 -9.94 -1.25
C GLU B 179 -2.25 -10.91 -2.35
N TYR B 180 -3.20 -11.44 -3.11
CA TYR B 180 -2.86 -12.30 -4.22
C TYR B 180 -2.07 -11.54 -5.29
N GLN B 181 -2.41 -10.27 -5.50
CA GLN B 181 -1.64 -9.50 -6.48
C GLN B 181 -0.23 -9.22 -6.00
N GLY B 182 0.02 -9.38 -4.70
CA GLY B 182 1.34 -9.19 -4.13
C GLY B 182 2.25 -10.39 -4.22
N ALA B 183 1.73 -11.50 -4.71
CA ALA B 183 2.52 -12.70 -4.92
C ALA B 183 3.66 -12.42 -5.89
N GLN B 184 4.72 -13.24 -5.78
CA GLN B 184 5.87 -13.06 -6.66
C GLN B 184 5.49 -13.18 -8.13
N PHE B 185 4.62 -14.13 -8.46
CA PHE B 185 4.18 -14.34 -9.84
C PHE B 185 2.66 -14.42 -9.85
N PRO B 186 1.98 -13.27 -9.80
CA PRO B 186 0.51 -13.26 -9.75
C PRO B 186 -0.08 -13.43 -11.14
N TYR B 187 0.13 -14.60 -11.74
CA TYR B 187 -0.21 -14.78 -13.15
C TYR B 187 -1.72 -14.90 -13.35
N ALA B 188 -2.12 -14.93 -14.61
CA ALA B 188 -3.53 -14.90 -14.96
C ALA B 188 -3.78 -16.00 -15.98
N TYR B 189 -4.93 -15.91 -16.65
CA TYR B 189 -5.40 -16.99 -17.53
C TYR B 189 -6.03 -16.42 -18.79
N HIS B 190 -5.99 -17.23 -19.85
CA HIS B 190 -6.87 -17.09 -20.99
C HIS B 190 -7.90 -18.21 -20.91
N PHE B 191 -9.12 -17.92 -21.36
CA PHE B 191 -10.12 -18.99 -21.40
C PHE B 191 -11.23 -18.61 -22.36
N GLU B 192 -12.02 -19.59 -22.77
CA GLU B 192 -13.23 -19.34 -23.55
C GLU B 192 -14.32 -18.79 -22.64
N ALA B 193 -14.80 -17.59 -22.94
CA ALA B 193 -15.77 -16.93 -22.07
C ALA B 193 -17.01 -17.77 -21.87
N HIS B 194 -17.53 -18.36 -22.95
CA HIS B 194 -18.78 -19.12 -22.83
C HIS B 194 -18.58 -20.36 -21.98
N LEU B 195 -17.41 -20.99 -22.06
CA LEU B 195 -17.17 -22.20 -21.28
C LEU B 195 -17.00 -21.90 -19.80
N LEU B 196 -16.34 -20.78 -19.46
CA LEU B 196 -16.24 -20.40 -18.07
C LEU B 196 -17.63 -20.12 -17.49
N ALA B 197 -18.47 -19.41 -18.24
CA ALA B 197 -19.82 -19.11 -17.76
C ALA B 197 -20.59 -20.40 -17.52
N LYS B 198 -20.51 -21.35 -18.45
CA LYS B 198 -21.19 -22.63 -18.27
C LYS B 198 -20.62 -23.38 -17.07
N TYR B 199 -19.29 -23.36 -16.90
CA TYR B 199 -18.68 -23.98 -15.74
C TYR B 199 -19.18 -23.37 -14.45
N LEU B 200 -19.15 -22.03 -14.37
CA LEU B 200 -19.60 -21.36 -13.16
C LEU B 200 -21.08 -21.55 -12.93
N THR B 201 -21.87 -21.68 -14.00
CA THR B 201 -23.29 -21.98 -13.83
C THR B 201 -23.47 -23.28 -13.06
N GLY B 202 -22.77 -24.34 -13.48
CA GLY B 202 -22.85 -25.59 -12.76
C GLY B 202 -22.36 -25.46 -11.34
N TYR B 203 -21.26 -24.74 -11.15
CA TYR B 203 -20.71 -24.56 -9.81
C TYR B 203 -21.74 -23.94 -8.88
N ALA B 204 -22.39 -22.88 -9.33
CA ALA B 204 -23.32 -22.15 -8.46
C ALA B 204 -24.64 -22.89 -8.30
N THR B 205 -25.18 -23.47 -9.37
CA THR B 205 -26.47 -24.16 -9.23
C THR B 205 -26.32 -25.42 -8.39
N ARG B 206 -25.20 -26.13 -8.54
CA ARG B 206 -24.99 -27.31 -7.71
C ARG B 206 -24.86 -26.94 -6.24
N ARG B 207 -24.57 -25.68 -5.93
CA ARG B 207 -24.44 -25.23 -4.56
C ARG B 207 -25.59 -24.32 -4.12
N GLY B 208 -26.74 -24.41 -4.78
CA GLY B 208 -27.95 -23.81 -4.27
C GLY B 208 -28.45 -22.58 -5.01
N THR B 209 -27.74 -22.07 -6.02
CA THR B 209 -28.24 -20.91 -6.75
C THR B 209 -29.45 -21.31 -7.61
N ARG B 210 -30.55 -20.59 -7.47
CA ARG B 210 -31.69 -20.82 -8.33
C ARG B 210 -31.43 -20.17 -9.69
N HIS B 211 -31.67 -20.92 -10.75
CA HIS B 211 -31.40 -20.47 -12.11
C HIS B 211 -32.70 -20.36 -12.87
N ILE B 212 -33.10 -19.14 -13.20
CA ILE B 212 -34.34 -18.84 -13.92
C ILE B 212 -33.94 -18.40 -15.32
N VAL B 213 -34.46 -19.07 -16.34
CA VAL B 213 -34.28 -18.59 -17.71
C VAL B 213 -35.54 -17.83 -18.09
N ASP B 214 -35.43 -16.51 -18.21
CA ASP B 214 -36.57 -15.64 -18.43
C ASP B 214 -36.07 -14.24 -18.70
N ASN B 215 -36.96 -13.39 -19.21
CA ASN B 215 -36.67 -11.98 -19.39
C ASN B 215 -37.26 -11.20 -18.23
N VAL B 216 -36.46 -10.29 -17.67
CA VAL B 216 -36.99 -9.25 -16.82
C VAL B 216 -37.64 -8.23 -17.74
N VAL B 217 -38.93 -7.98 -17.54
CA VAL B 217 -39.70 -7.11 -18.42
C VAL B 217 -40.09 -5.82 -17.75
N ASP B 218 -39.97 -5.72 -16.44
CA ASP B 218 -40.25 -4.48 -15.74
C ASP B 218 -39.46 -4.48 -14.46
N VAL B 219 -39.01 -3.29 -14.08
CA VAL B 219 -38.34 -3.07 -12.80
C VAL B 219 -39.23 -2.14 -12.01
N ALA B 220 -39.89 -2.66 -10.99
CA ALA B 220 -40.82 -1.86 -10.20
C ALA B 220 -40.08 -1.16 -9.06
N LEU B 221 -40.36 0.12 -8.89
CA LEU B 221 -39.76 0.92 -7.83
C LEU B 221 -40.80 1.24 -6.78
N ASP B 222 -40.39 1.27 -5.53
CA ASP B 222 -41.30 1.68 -4.48
C ASP B 222 -41.28 3.20 -4.34
N GLU B 223 -41.92 3.71 -3.30
CA GLU B 223 -42.09 5.15 -3.15
C GLU B 223 -40.77 5.86 -2.86
N ARG B 224 -39.83 5.20 -2.18
CA ARG B 224 -38.53 5.81 -1.90
C ARG B 224 -37.52 5.60 -3.04
N GLY B 225 -37.95 5.03 -4.15
CA GLY B 225 -37.07 4.85 -5.29
C GLY B 225 -36.23 3.59 -5.30
N TRP B 226 -36.44 2.70 -4.34
CA TRP B 226 -35.76 1.41 -4.31
C TRP B 226 -36.48 0.42 -5.21
N ILE B 227 -35.76 -0.61 -5.63
CA ILE B 227 -36.43 -1.64 -6.44
C ILE B 227 -37.33 -2.46 -5.54
N SER B 228 -38.62 -2.53 -5.87
CA SER B 228 -39.50 -3.40 -5.11
C SER B 228 -39.48 -4.83 -5.63
N HIS B 229 -39.46 -5.00 -6.95
CA HIS B 229 -39.32 -6.32 -7.54
C HIS B 229 -38.91 -6.16 -9.00
N VAL B 230 -38.43 -7.25 -9.58
CA VAL B 230 -38.29 -7.34 -11.03
C VAL B 230 -39.37 -8.31 -11.51
N ARG B 231 -40.10 -7.89 -12.53
CA ARG B 231 -41.15 -8.72 -13.10
C ARG B 231 -40.57 -9.50 -14.27
N THR B 232 -40.77 -10.81 -14.25
CA THR B 232 -40.38 -11.67 -15.35
C THR B 232 -41.58 -12.02 -16.21
N GLU B 233 -41.30 -12.57 -17.39
CA GLU B 233 -42.39 -12.97 -18.29
C GLU B 233 -43.18 -14.14 -17.74
N GLU B 234 -42.49 -15.15 -17.20
CA GLU B 234 -43.16 -16.39 -16.86
C GLU B 234 -42.92 -16.86 -15.44
N HIS B 235 -42.09 -16.18 -14.65
CA HIS B 235 -41.76 -16.61 -13.31
C HIS B 235 -42.23 -15.63 -12.24
N GLY B 236 -43.17 -14.76 -12.57
CA GLY B 236 -43.73 -13.87 -11.58
C GLY B 236 -42.76 -12.76 -11.25
N ASP B 237 -42.95 -12.21 -10.04
CA ASP B 237 -42.12 -11.11 -9.56
C ASP B 237 -41.08 -11.64 -8.59
N LEU B 238 -39.85 -11.14 -8.73
CA LEU B 238 -38.76 -11.56 -7.88
C LEU B 238 -38.45 -10.41 -6.92
N GLU B 239 -38.50 -10.71 -5.63
CA GLU B 239 -38.13 -9.75 -4.61
C GLU B 239 -36.76 -10.12 -4.07
N ALA B 240 -36.08 -9.13 -3.51
CA ALA B 240 -34.74 -9.35 -2.97
C ALA B 240 -34.36 -8.19 -2.08
N ASP B 241 -33.42 -8.46 -1.17
CA ASP B 241 -32.76 -7.40 -0.43
C ASP B 241 -31.76 -6.65 -1.30
N LEU B 242 -31.16 -7.33 -2.27
CA LEU B 242 -30.16 -6.74 -3.13
C LEU B 242 -30.37 -7.28 -4.53
N PHE B 243 -30.45 -6.38 -5.50
CA PHE B 243 -30.52 -6.74 -6.90
C PHE B 243 -29.17 -6.44 -7.53
N VAL B 244 -28.60 -7.42 -8.21
CA VAL B 244 -27.35 -7.22 -8.90
C VAL B 244 -27.63 -7.08 -10.38
N ASP B 245 -27.25 -5.93 -10.94
CA ASP B 245 -27.46 -5.67 -12.35
C ASP B 245 -26.26 -6.22 -13.10
N CYS B 246 -26.44 -7.37 -13.74
CA CYS B 246 -25.43 -7.95 -14.59
C CYS B 246 -25.95 -8.01 -16.02
N THR B 247 -26.73 -7.01 -16.41
CA THR B 247 -27.35 -7.03 -17.73
C THR B 247 -26.46 -6.48 -18.83
N GLY B 248 -25.20 -6.16 -18.54
CA GLY B 248 -24.30 -5.72 -19.59
C GLY B 248 -24.42 -4.23 -19.84
N PHE B 249 -23.99 -3.81 -21.04
CA PHE B 249 -23.95 -2.39 -21.36
C PHE B 249 -25.30 -1.72 -21.16
N ARG B 250 -26.38 -2.46 -21.35
CA ARG B 250 -27.70 -1.83 -21.31
C ARG B 250 -28.05 -1.35 -19.90
N GLY B 251 -27.48 -1.96 -18.86
CA GLY B 251 -27.71 -1.50 -17.49
C GLY B 251 -29.17 -1.33 -17.15
N LEU B 252 -29.94 -2.41 -17.35
CA LEU B 252 -31.40 -2.35 -17.25
C LEU B 252 -31.85 -1.81 -15.90
N LEU B 253 -31.19 -2.20 -14.82
CA LEU B 253 -31.60 -1.80 -13.48
C LEU B 253 -30.91 -0.52 -13.05
N LEU B 254 -29.59 -0.49 -13.14
CA LEU B 254 -28.85 0.63 -12.59
C LEU B 254 -29.03 1.88 -13.43
N ASN B 255 -28.94 1.74 -14.75
CA ASN B 255 -28.99 2.91 -15.62
CA ASN B 255 -28.99 2.88 -15.67
C ASN B 255 -30.40 3.19 -16.14
N LYS B 256 -31.12 2.17 -16.60
CA LYS B 256 -32.48 2.44 -17.08
C LYS B 256 -33.44 2.68 -15.93
N ALA B 257 -33.65 1.66 -15.09
CA ALA B 257 -34.68 1.74 -14.06
C ALA B 257 -34.35 2.81 -13.01
N LEU B 258 -33.12 2.81 -12.51
CA LEU B 258 -32.76 3.76 -11.45
C LEU B 258 -32.18 5.06 -11.99
N GLY B 259 -31.96 5.15 -13.29
CA GLY B 259 -31.54 6.40 -13.90
C GLY B 259 -30.17 6.88 -13.47
N GLU B 260 -29.30 6.00 -12.99
CA GLU B 260 -28.00 6.46 -12.53
C GLU B 260 -27.18 6.94 -13.72
N PRO B 261 -26.64 8.15 -13.68
CA PRO B 261 -25.91 8.69 -14.83
C PRO B 261 -24.65 7.90 -15.10
N PHE B 262 -24.27 7.88 -16.37
CA PHE B 262 -23.03 7.26 -16.80
C PHE B 262 -22.01 8.35 -17.15
N VAL B 263 -20.76 8.16 -16.73
CA VAL B 263 -19.68 9.11 -16.94
C VAL B 263 -18.76 8.57 -18.02
N SER B 264 -18.71 9.24 -19.16
CA SER B 264 -17.87 8.80 -20.26
C SER B 264 -16.39 9.03 -19.97
N TYR B 265 -15.57 8.07 -20.39
CA TYR B 265 -14.12 8.21 -20.42
C TYR B 265 -13.60 8.56 -21.81
N GLN B 266 -14.48 8.85 -22.76
CA GLN B 266 -14.06 8.98 -24.16
C GLN B 266 -13.22 10.21 -24.43
N ASP B 267 -13.19 11.21 -23.54
CA ASP B 267 -12.27 12.32 -23.71
C ASP B 267 -10.84 11.84 -23.78
N THR B 268 -10.50 10.86 -22.96
CA THR B 268 -9.13 10.40 -22.81
C THR B 268 -8.85 9.11 -23.54
N LEU B 269 -9.86 8.30 -23.80
CA LEU B 269 -9.69 7.01 -24.46
C LEU B 269 -10.72 6.94 -25.58
N PRO B 270 -10.36 7.36 -26.78
CA PRO B 270 -11.35 7.44 -27.86
C PRO B 270 -11.77 6.10 -28.44
N ASN B 271 -11.03 5.01 -28.18
CA ASN B 271 -11.43 3.73 -28.77
C ASN B 271 -12.82 3.36 -28.27
N ASP B 272 -13.75 3.18 -29.20
CA ASP B 272 -15.15 2.99 -28.87
C ASP B 272 -15.76 1.77 -29.53
N SER B 273 -14.99 1.02 -30.29
CA SER B 273 -15.54 -0.06 -31.08
C SER B 273 -14.56 -1.22 -31.06
N ALA B 274 -15.08 -2.39 -31.40
CA ALA B 274 -14.24 -3.56 -31.56
C ALA B 274 -14.89 -4.49 -32.56
N VAL B 275 -14.06 -5.26 -33.24
CA VAL B 275 -14.54 -6.38 -34.02
C VAL B 275 -13.72 -7.60 -33.59
N ALA B 276 -14.41 -8.69 -33.26
CA ALA B 276 -13.78 -9.86 -32.66
C ALA B 276 -14.03 -11.10 -33.52
N LEU B 277 -13.06 -12.01 -33.51
CA LEU B 277 -13.18 -13.29 -34.20
C LEU B 277 -12.67 -14.41 -33.31
N GLN B 278 -13.25 -15.60 -33.49
CA GLN B 278 -12.74 -16.84 -32.90
C GLN B 278 -12.23 -17.72 -34.04
N VAL B 279 -10.92 -17.98 -34.07
CA VAL B 279 -10.28 -18.69 -35.18
C VAL B 279 -9.66 -19.99 -34.67
N PRO B 280 -10.07 -21.16 -35.19
CA PRO B 280 -9.53 -22.46 -34.76
C PRO B 280 -8.02 -22.66 -34.91
N GLU B 286 2.83 -25.66 -32.73
CA GLU B 286 3.83 -24.78 -32.14
C GLU B 286 3.48 -24.48 -30.69
N PRO B 287 4.47 -24.04 -29.89
CA PRO B 287 4.17 -23.70 -28.50
C PRO B 287 3.13 -22.59 -28.39
N ILE B 288 2.19 -22.78 -27.48
CA ILE B 288 1.20 -21.74 -27.18
C ILE B 288 1.90 -20.68 -26.34
N ARG B 289 1.91 -19.44 -26.81
CA ARG B 289 2.62 -18.41 -26.07
C ARG B 289 1.84 -18.03 -24.82
N PRO B 290 2.50 -17.98 -23.66
CA PRO B 290 1.80 -17.74 -22.39
C PRO B 290 1.53 -16.27 -22.12
N CYS B 291 0.98 -15.57 -23.10
CA CYS B 291 0.65 -14.17 -22.89
C CYS B 291 -0.41 -13.75 -23.89
N THR B 292 -1.04 -12.64 -23.59
CA THR B 292 -1.88 -11.93 -24.53
C THR B 292 -0.98 -11.00 -25.34
N THR B 293 -1.26 -10.88 -26.63
CA THR B 293 -0.52 -9.96 -27.47
C THR B 293 -1.42 -8.78 -27.83
N ALA B 294 -0.89 -7.58 -27.71
CA ALA B 294 -1.59 -6.36 -28.08
C ALA B 294 -0.74 -5.68 -29.15
N THR B 295 -1.17 -5.79 -30.40
CA THR B 295 -0.40 -5.30 -31.53
C THR B 295 -1.03 -4.01 -32.02
N ALA B 296 -0.29 -2.90 -31.88
CA ALA B 296 -0.79 -1.59 -32.25
C ALA B 296 -1.06 -1.54 -33.76
N GLN B 297 -2.16 -0.86 -34.13
CA GLN B 297 -2.63 -0.74 -35.50
C GLN B 297 -2.82 0.73 -35.83
N GLU B 298 -3.28 1.00 -37.06
CA GLU B 298 -3.42 2.38 -37.52
C GLU B 298 -4.46 3.17 -36.72
N ALA B 299 -5.45 2.49 -36.17
CA ALA B 299 -6.51 3.22 -35.48
C ALA B 299 -6.88 2.56 -34.16
N GLY B 300 -5.95 1.85 -33.56
CA GLY B 300 -6.22 1.14 -32.31
C GLY B 300 -5.23 0.01 -32.14
N TRP B 301 -5.69 -1.17 -31.76
CA TRP B 301 -4.77 -2.28 -31.52
C TRP B 301 -5.57 -3.58 -31.62
N ILE B 302 -4.86 -4.66 -31.89
CA ILE B 302 -5.45 -5.98 -32.06
C ILE B 302 -4.98 -6.88 -30.93
N TRP B 303 -5.92 -7.60 -30.30
CA TRP B 303 -5.56 -8.58 -29.29
C TRP B 303 -5.45 -9.96 -29.92
N THR B 304 -4.51 -10.75 -29.39
CA THR B 304 -4.40 -12.16 -29.70
C THR B 304 -4.42 -12.90 -28.38
N ILE B 305 -5.44 -13.74 -28.19
CA ILE B 305 -5.58 -14.51 -26.97
C ILE B 305 -5.54 -15.98 -27.35
N PRO B 306 -4.45 -16.69 -27.05
CA PRO B 306 -4.34 -18.09 -27.45
C PRO B 306 -5.04 -18.98 -26.44
N LEU B 307 -5.90 -19.86 -26.93
CA LEU B 307 -6.58 -20.85 -26.11
C LEU B 307 -6.07 -22.24 -26.49
N ILE B 308 -6.62 -23.27 -25.84
CA ILE B 308 -6.13 -24.63 -26.09
C ILE B 308 -6.42 -25.04 -27.53
N SER B 309 -7.56 -24.64 -28.07
CA SER B 309 -7.95 -25.13 -29.38
C SER B 309 -8.25 -24.03 -30.39
N ARG B 310 -8.07 -22.77 -30.02
CA ARG B 310 -8.35 -21.69 -30.96
C ARG B 310 -7.65 -20.44 -30.48
N VAL B 311 -7.78 -19.38 -31.28
CA VAL B 311 -7.31 -18.05 -30.91
C VAL B 311 -8.52 -17.14 -30.88
N GLY B 312 -8.64 -16.36 -29.79
CA GLY B 312 -9.58 -15.25 -29.76
C GLY B 312 -8.86 -14.01 -30.21
N THR B 313 -9.47 -13.26 -31.11
CA THR B 313 -8.76 -12.11 -31.65
C THR B 313 -9.74 -10.98 -31.92
N GLY B 314 -9.23 -9.75 -31.81
CA GLY B 314 -10.10 -8.60 -32.01
C GLY B 314 -9.31 -7.34 -32.27
N TYR B 315 -9.94 -6.40 -32.98
CA TYR B 315 -9.35 -5.12 -33.27
C TYR B 315 -10.20 -4.10 -32.52
N VAL B 316 -9.60 -3.48 -31.52
CA VAL B 316 -10.21 -2.37 -30.77
C VAL B 316 -9.80 -1.09 -31.46
N TYR B 317 -10.78 -0.25 -31.82
CA TYR B 317 -10.45 0.90 -32.65
C TYR B 317 -11.38 2.07 -32.33
N ALA B 318 -10.99 3.25 -32.82
CA ALA B 318 -11.76 4.48 -32.66
C ALA B 318 -12.52 4.71 -33.96
N SER B 319 -13.85 4.77 -33.88
CA SER B 319 -14.66 4.87 -35.09
CA SER B 319 -14.65 4.86 -35.09
C SER B 319 -14.47 6.18 -35.82
N ASP B 320 -13.98 7.22 -35.14
CA ASP B 320 -13.68 8.47 -35.83
C ASP B 320 -12.51 8.34 -36.80
N TYR B 321 -11.69 7.29 -36.66
CA TYR B 321 -10.49 7.14 -37.46
C TYR B 321 -10.55 6.00 -38.47
N THR B 322 -11.48 5.05 -38.30
CA THR B 322 -11.64 3.98 -39.27
C THR B 322 -13.06 3.43 -39.17
N THR B 323 -13.50 2.76 -40.24
CA THR B 323 -14.85 2.22 -40.31
C THR B 323 -14.91 0.80 -39.78
N PRO B 324 -16.10 0.33 -39.39
CA PRO B 324 -16.23 -1.10 -39.06
C PRO B 324 -15.79 -2.01 -40.19
N GLU B 325 -16.07 -1.62 -41.45
CA GLU B 325 -15.68 -2.45 -42.58
C GLU B 325 -14.17 -2.55 -42.68
N GLN B 326 -13.48 -1.41 -42.58
CA GLN B 326 -12.02 -1.40 -42.68
C GLN B 326 -11.38 -2.13 -41.51
N ALA B 327 -11.91 -1.93 -40.30
CA ALA B 327 -11.35 -2.61 -39.13
C ALA B 327 -11.46 -4.12 -39.26
N GLU B 328 -12.60 -4.62 -39.74
CA GLU B 328 -12.75 -6.06 -39.95
C GLU B 328 -11.76 -6.56 -40.99
N ARG B 329 -11.57 -5.79 -42.06
CA ARG B 329 -10.59 -6.15 -43.08
C ARG B 329 -9.19 -6.25 -42.49
N VAL B 330 -8.82 -5.24 -41.69
CA VAL B 330 -7.49 -5.24 -41.07
C VAL B 330 -7.35 -6.46 -40.17
N LEU B 331 -8.40 -6.77 -39.41
CA LEU B 331 -8.35 -7.92 -38.51
C LEU B 331 -8.18 -9.23 -39.28
N ARG B 332 -9.02 -9.45 -40.30
CA ARG B 332 -8.94 -10.70 -41.05
C ARG B 332 -7.59 -10.81 -41.75
N ASP B 333 -7.08 -9.69 -42.28
CA ASP B 333 -5.77 -9.69 -42.91
C ASP B 333 -4.66 -10.01 -41.91
N PHE B 334 -4.76 -9.44 -40.71
CA PHE B 334 -3.78 -9.69 -39.66
C PHE B 334 -3.74 -11.17 -39.28
N VAL B 335 -4.91 -11.79 -39.15
CA VAL B 335 -4.97 -13.19 -38.76
C VAL B 335 -4.50 -14.09 -39.90
N GLY B 336 -4.86 -13.72 -41.14
CA GLY B 336 -4.51 -14.52 -42.30
C GLY B 336 -5.61 -15.48 -42.73
N PRO B 337 -5.27 -16.42 -43.62
CA PRO B 337 -6.31 -17.22 -44.29
C PRO B 337 -7.21 -18.03 -43.36
N ALA B 338 -6.79 -18.33 -42.13
CA ALA B 338 -7.69 -19.06 -41.25
C ALA B 338 -8.88 -18.21 -40.82
N ALA B 339 -8.80 -16.89 -40.99
CA ALA B 339 -9.87 -15.96 -40.66
C ALA B 339 -10.83 -15.70 -41.81
N ALA B 340 -10.76 -16.49 -42.89
CA ALA B 340 -11.52 -16.21 -44.11
C ALA B 340 -13.03 -16.13 -43.90
N ASP B 341 -13.68 -17.23 -43.53
CA ASP B 341 -15.14 -17.29 -43.43
C ASP B 341 -15.64 -17.34 -41.98
N VAL B 342 -14.84 -16.91 -41.03
CA VAL B 342 -15.25 -16.87 -39.63
C VAL B 342 -16.17 -15.67 -39.42
N PRO B 343 -17.29 -15.80 -38.70
CA PRO B 343 -18.17 -14.65 -38.52
C PRO B 343 -17.56 -13.60 -37.61
N ALA B 344 -17.78 -12.33 -37.96
CA ALA B 344 -17.29 -11.20 -37.19
C ALA B 344 -18.31 -10.76 -36.15
N ASN B 345 -17.83 -10.40 -34.97
CA ASN B 345 -18.66 -9.91 -33.88
C ASN B 345 -18.32 -8.43 -33.71
N HIS B 346 -19.17 -7.56 -34.26
CA HIS B 346 -18.96 -6.12 -34.13
C HIS B 346 -19.60 -5.63 -32.84
N ILE B 347 -18.83 -4.85 -32.09
CA ILE B 347 -19.25 -4.40 -30.76
C ILE B 347 -19.03 -2.90 -30.67
N LYS B 348 -20.07 -2.19 -30.24
CA LYS B 348 -19.91 -0.80 -29.81
C LYS B 348 -19.75 -0.80 -28.30
N MET B 349 -18.68 -0.17 -27.82
CA MET B 349 -18.38 -0.19 -26.40
C MET B 349 -18.92 1.07 -25.72
N ARG B 350 -19.44 0.89 -24.50
CA ARG B 350 -19.79 2.03 -23.65
C ARG B 350 -18.61 2.20 -22.70
N ILE B 351 -17.83 3.26 -22.93
CA ILE B 351 -16.54 3.46 -22.28
C ILE B 351 -16.71 4.51 -21.19
N GLY B 352 -16.53 4.08 -19.96
CA GLY B 352 -16.67 4.96 -18.81
C GLY B 352 -17.19 4.16 -17.63
N ARG B 353 -17.79 4.88 -16.70
CA ARG B 353 -18.31 4.18 -15.53
C ARG B 353 -19.58 4.87 -15.04
N SER B 354 -20.43 4.07 -14.42
CA SER B 354 -21.57 4.64 -13.73
CA SER B 354 -21.57 4.62 -13.72
C SER B 354 -21.10 5.54 -12.61
N ARG B 355 -21.81 6.66 -12.42
CA ARG B 355 -21.42 7.62 -11.39
C ARG B 355 -21.28 6.93 -10.04
N ARG B 356 -22.29 6.14 -9.66
CA ARG B 356 -22.25 5.23 -8.53
C ARG B 356 -22.62 3.86 -9.06
N SER B 357 -21.94 2.82 -8.59
CA SER B 357 -22.31 1.48 -9.02
C SER B 357 -23.33 0.83 -8.12
N TRP B 358 -23.45 1.28 -6.87
CA TRP B 358 -24.42 0.75 -5.93
C TRP B 358 -25.37 1.90 -5.56
N VAL B 359 -26.63 1.77 -5.97
CA VAL B 359 -27.62 2.81 -5.75
C VAL B 359 -28.79 2.12 -5.07
N ASN B 360 -29.17 2.60 -3.87
CA ASN B 360 -30.24 1.99 -3.11
C ASN B 360 -30.00 0.49 -2.92
N ASN B 361 -30.90 -0.36 -3.39
CA ASN B 361 -30.73 -1.80 -3.29
C ASN B 361 -30.31 -2.43 -4.63
N CYS B 362 -29.53 -1.71 -5.44
CA CYS B 362 -29.11 -2.24 -6.72
C CYS B 362 -27.63 -1.96 -6.91
N VAL B 363 -26.87 -3.00 -7.25
CA VAL B 363 -25.46 -2.83 -7.54
C VAL B 363 -25.19 -3.38 -8.94
N GLY B 364 -24.51 -2.58 -9.76
CA GLY B 364 -24.14 -3.00 -11.09
C GLY B 364 -22.80 -3.70 -11.05
N VAL B 365 -22.73 -4.87 -11.66
CA VAL B 365 -21.50 -5.64 -11.73
C VAL B 365 -21.25 -5.98 -13.19
N GLY B 366 -20.04 -5.72 -13.67
CA GLY B 366 -19.69 -5.98 -15.04
C GLY B 366 -19.92 -4.78 -15.93
N LEU B 367 -20.27 -5.02 -17.20
CA LEU B 367 -20.39 -3.93 -18.17
C LEU B 367 -21.45 -2.92 -17.77
N SER B 368 -22.43 -3.32 -16.94
CA SER B 368 -23.43 -2.38 -16.47
C SER B 368 -22.82 -1.30 -15.58
N SER B 369 -21.72 -1.62 -14.90
CA SER B 369 -21.05 -0.70 -13.98
C SER B 369 -20.07 0.19 -14.71
N GLY B 370 -19.46 -0.31 -15.75
CA GLY B 370 -18.46 0.47 -16.45
C GLY B 370 -17.62 -0.41 -17.33
N PHE B 371 -16.78 0.24 -18.12
CA PHE B 371 -15.92 -0.52 -19.01
C PHE B 371 -14.85 0.41 -19.56
N VAL B 372 -13.63 -0.12 -19.67
CA VAL B 372 -12.57 0.50 -20.44
C VAL B 372 -12.04 -0.54 -21.40
N GLU B 373 -11.40 -0.08 -22.48
CA GLU B 373 -10.98 -1.00 -23.52
C GLU B 373 -10.08 -2.09 -22.93
N PRO B 374 -10.09 -3.28 -23.51
CA PRO B 374 -9.42 -4.43 -22.88
C PRO B 374 -7.92 -4.48 -23.07
N LEU B 375 -7.28 -3.30 -23.11
CA LEU B 375 -5.85 -3.25 -23.38
C LEU B 375 -5.05 -3.96 -22.30
N GLU B 376 -5.54 -3.96 -21.07
CA GLU B 376 -4.90 -4.71 -19.99
C GLU B 376 -5.82 -5.79 -19.41
N SER B 377 -6.89 -6.14 -20.12
CA SER B 377 -7.80 -7.20 -19.71
C SER B 377 -8.25 -7.01 -18.27
N THR B 378 -8.98 -5.93 -18.04
CA THR B 378 -9.41 -5.57 -16.71
C THR B 378 -10.90 -5.79 -16.45
N GLY B 379 -11.68 -6.21 -17.46
CA GLY B 379 -13.13 -6.30 -17.26
C GLY B 379 -13.50 -7.31 -16.19
N ILE B 380 -12.90 -8.50 -16.26
CA ILE B 380 -13.19 -9.50 -15.25
C ILE B 380 -12.58 -9.11 -13.91
N PHE B 381 -11.45 -8.37 -13.94
CA PHE B 381 -10.92 -7.80 -12.71
C PHE B 381 -11.93 -6.86 -12.05
N PHE B 382 -12.59 -6.01 -12.84
CA PHE B 382 -13.60 -5.14 -12.26
C PHE B 382 -14.72 -5.95 -11.63
N ILE B 383 -15.15 -7.02 -12.32
CA ILE B 383 -16.19 -7.88 -11.76
C ILE B 383 -15.73 -8.51 -10.47
N HIS B 384 -14.54 -9.09 -10.50
CA HIS B 384 -13.99 -9.80 -9.35
C HIS B 384 -13.83 -8.85 -8.17
N HIS B 385 -13.27 -7.67 -8.43
CA HIS B 385 -13.17 -6.68 -7.38
C HIS B 385 -14.54 -6.30 -6.86
N ALA B 386 -15.50 -6.13 -7.77
CA ALA B 386 -16.84 -5.71 -7.36
C ALA B 386 -17.45 -6.73 -6.41
N ILE B 387 -17.35 -8.01 -6.75
CA ILE B 387 -18.03 -9.01 -5.93
C ILE B 387 -17.30 -9.22 -4.62
N GLU B 388 -15.97 -9.12 -4.61
CA GLU B 388 -15.26 -9.11 -3.33
C GLU B 388 -15.78 -7.98 -2.45
N GLN B 389 -16.01 -6.80 -3.05
CA GLN B 389 -16.48 -5.66 -2.27
C GLN B 389 -17.95 -5.78 -1.89
N ILE B 390 -18.75 -6.46 -2.70
CA ILE B 390 -20.14 -6.74 -2.30
C ILE B 390 -20.16 -7.55 -1.01
N VAL B 391 -19.31 -8.58 -0.93
CA VAL B 391 -19.20 -9.34 0.31
C VAL B 391 -18.70 -8.44 1.43
N LYS B 392 -17.65 -7.66 1.16
CA LYS B 392 -17.06 -6.81 2.20
C LYS B 392 -18.08 -5.82 2.74
N TYR B 393 -18.87 -5.21 1.86
CA TYR B 393 -19.80 -4.16 2.26
C TYR B 393 -21.23 -4.65 2.26
N PHE B 394 -21.42 -5.94 2.44
CA PHE B 394 -22.74 -6.52 2.41
C PHE B 394 -23.61 -5.88 3.49
N PRO B 395 -24.80 -5.41 3.15
CA PRO B 395 -25.60 -4.63 4.09
C PRO B 395 -26.34 -5.49 5.11
N SER B 396 -26.63 -4.88 6.25
CA SER B 396 -27.40 -5.52 7.30
C SER B 396 -28.90 -5.32 7.15
N GLY B 397 -29.31 -4.32 6.39
CA GLY B 397 -30.68 -3.86 6.38
C GLY B 397 -30.96 -2.72 7.34
N GLY B 398 -30.00 -2.35 8.18
CA GLY B 398 -30.20 -1.36 9.21
C GLY B 398 -29.16 -0.27 9.17
N ALA B 399 -28.87 0.27 10.36
CA ALA B 399 -27.95 1.38 10.50
C ALA B 399 -26.58 1.05 9.93
N GLY B 400 -25.94 2.04 9.31
CA GLY B 400 -24.65 1.85 8.69
C GLY B 400 -24.70 1.53 7.22
N ASP B 401 -25.86 1.16 6.67
CA ASP B 401 -25.91 0.71 5.29
C ASP B 401 -25.58 1.83 4.29
N ASP B 402 -25.95 3.09 4.58
CA ASP B 402 -25.56 4.18 3.69
C ASP B 402 -24.05 4.36 3.67
N ARG B 403 -23.40 4.24 4.83
CA ARG B 403 -21.95 4.35 4.86
C ARG B 403 -21.29 3.19 4.14
N LEU B 404 -21.82 1.97 4.31
CA LEU B 404 -21.27 0.84 3.57
C LEU B 404 -21.39 1.05 2.06
N ARG B 405 -22.54 1.55 1.60
CA ARG B 405 -22.72 1.80 0.18
C ARG B 405 -21.76 2.89 -0.30
N GLU B 406 -21.54 3.91 0.52
CA GLU B 406 -20.62 4.96 0.17
C GLU B 406 -19.21 4.42 0.00
N LEU B 407 -18.77 3.58 0.94
CA LEU B 407 -17.44 2.99 0.84
C LEU B 407 -17.34 2.09 -0.38
N TYR B 408 -18.38 1.30 -0.63
CA TYR B 408 -18.39 0.48 -1.83
C TYR B 408 -18.17 1.33 -3.07
N ASN B 409 -18.97 2.39 -3.20
CA ASN B 409 -18.91 3.20 -4.40
C ASN B 409 -17.55 3.87 -4.56
N ARG B 410 -16.95 4.32 -3.45
CA ARG B 410 -15.62 4.92 -3.53
C ARG B 410 -14.60 3.91 -4.00
N SER B 411 -14.70 2.68 -3.51
CA SER B 411 -13.73 1.64 -3.85
CA SER B 411 -13.71 1.67 -3.86
C SER B 411 -13.79 1.31 -5.34
N VAL B 412 -14.99 1.06 -5.85
CA VAL B 412 -15.07 0.69 -7.26
C VAL B 412 -14.76 1.86 -8.16
N GLY B 413 -15.11 3.09 -7.76
CA GLY B 413 -14.80 4.25 -8.56
C GLY B 413 -13.30 4.47 -8.64
N HIS B 414 -12.59 4.24 -7.55
CA HIS B 414 -11.14 4.38 -7.54
C HIS B 414 -10.47 3.35 -8.46
N VAL B 415 -10.98 2.11 -8.45
CA VAL B 415 -10.38 1.10 -9.32
C VAL B 415 -10.49 1.51 -10.77
N MET B 416 -11.69 1.92 -11.19
CA MET B 416 -11.87 2.27 -12.59
C MET B 416 -11.12 3.54 -12.95
N ASP B 417 -11.13 4.56 -12.07
CA ASP B 417 -10.41 5.78 -12.38
C ASP B 417 -8.90 5.56 -12.42
N GLY B 418 -8.39 4.69 -11.53
CA GLY B 418 -6.96 4.39 -11.57
C GLY B 418 -6.58 3.62 -12.82
N VAL B 419 -7.37 2.61 -13.18
CA VAL B 419 -7.10 1.86 -14.40
C VAL B 419 -7.18 2.78 -15.62
N ARG B 420 -8.16 3.69 -15.63
CA ARG B 420 -8.24 4.63 -16.75
C ARG B 420 -6.93 5.41 -16.89
N GLU B 421 -6.36 5.89 -15.76
CA GLU B 421 -5.08 6.58 -15.80
C GLU B 421 -4.01 5.67 -16.40
N PHE B 422 -3.96 4.43 -15.92
CA PHE B 422 -2.97 3.47 -16.42
C PHE B 422 -3.12 3.26 -17.91
N LEU B 423 -4.37 3.09 -18.38
CA LEU B 423 -4.58 2.88 -19.80
C LEU B 423 -4.18 4.10 -20.60
N VAL B 424 -4.54 5.30 -20.12
CA VAL B 424 -4.16 6.52 -20.82
C VAL B 424 -2.65 6.58 -20.98
N LEU B 425 -1.91 6.15 -19.96
CA LEU B 425 -0.46 6.16 -20.04
C LEU B 425 0.06 5.32 -21.21
N HIS B 426 -0.64 4.24 -21.57
CA HIS B 426 -0.20 3.44 -22.71
C HIS B 426 -0.15 4.30 -23.97
N TYR B 427 -1.19 5.10 -24.19
CA TYR B 427 -1.23 5.91 -25.39
C TYR B 427 -0.34 7.14 -25.26
N ARG B 428 -0.32 7.75 -24.07
CA ARG B 428 0.44 8.98 -23.89
C ARG B 428 1.94 8.72 -23.96
N SER B 429 2.39 7.51 -23.64
CA SER B 429 3.82 7.24 -23.66
C SER B 429 4.26 6.46 -24.90
N ALA B 430 3.32 6.03 -25.75
CA ALA B 430 3.69 5.31 -26.96
C ALA B 430 4.53 6.20 -27.87
N LYS B 431 5.66 5.68 -28.34
CA LYS B 431 6.54 6.52 -29.15
C LYS B 431 6.00 6.73 -30.55
N ARG B 432 5.28 5.76 -31.11
CA ARG B 432 4.91 5.86 -32.52
C ARG B 432 4.01 7.07 -32.74
N ALA B 433 4.24 7.76 -33.85
CA ALA B 433 3.48 8.96 -34.18
C ALA B 433 3.31 9.05 -35.70
N ASP B 434 3.04 7.91 -36.34
CA ASP B 434 3.09 7.75 -37.78
C ASP B 434 1.86 8.29 -38.50
N ASN B 435 0.75 8.52 -37.80
CA ASN B 435 -0.45 9.00 -38.46
C ASN B 435 -1.20 9.92 -37.49
N GLN B 436 -2.37 10.38 -37.93
CA GLN B 436 -3.13 11.30 -37.12
C GLN B 436 -3.57 10.66 -35.81
N TYR B 437 -3.99 9.40 -35.87
CA TYR B 437 -4.42 8.70 -34.66
C TYR B 437 -3.32 8.72 -33.61
N TRP B 438 -2.11 8.33 -34.00
CA TRP B 438 -1.04 8.22 -33.01
C TRP B 438 -0.51 9.59 -32.61
N LYS B 439 -0.57 10.58 -33.51
CA LYS B 439 -0.26 11.96 -33.12
C LYS B 439 -1.25 12.47 -32.08
N ASP B 440 -2.54 12.15 -32.27
CA ASP B 440 -3.56 12.66 -31.37
C ASP B 440 -3.44 12.09 -29.96
N THR B 441 -2.79 10.92 -29.80
CA THR B 441 -2.56 10.41 -28.45
C THR B 441 -1.74 11.37 -27.60
N LYS B 442 -0.96 12.25 -28.23
CA LYS B 442 -0.10 13.17 -27.50
C LYS B 442 -0.74 14.54 -27.27
N THR B 443 -1.86 14.83 -27.94
CA THR B 443 -2.50 16.12 -27.75
C THR B 443 -3.85 16.06 -27.04
N ARG B 444 -4.50 14.90 -27.02
CA ARG B 444 -5.82 14.82 -26.42
C ARG B 444 -5.74 14.94 -24.89
N THR B 445 -6.93 15.10 -24.30
CA THR B 445 -7.08 15.23 -22.85
C THR B 445 -6.36 14.11 -22.13
N VAL B 446 -5.65 14.49 -21.06
CA VAL B 446 -5.07 13.56 -20.09
C VAL B 446 -5.65 13.97 -18.74
N PRO B 447 -6.08 13.04 -17.88
CA PRO B 447 -6.49 13.46 -16.54
C PRO B 447 -5.41 14.32 -15.90
N ASP B 448 -5.84 15.43 -15.27
CA ASP B 448 -4.89 16.42 -14.78
C ASP B 448 -3.86 15.82 -13.84
N SER B 449 -4.31 14.91 -12.95
CA SER B 449 -3.38 14.32 -11.99
C SER B 449 -2.36 13.44 -12.70
N LEU B 450 -2.75 12.75 -13.76
CA LEU B 450 -1.79 11.98 -14.54
C LEU B 450 -0.78 12.88 -15.23
N ALA B 451 -1.23 14.01 -15.77
CA ALA B 451 -0.29 14.94 -16.39
C ALA B 451 0.79 15.35 -15.41
N GLU B 452 0.42 15.62 -14.15
CA GLU B 452 1.43 15.96 -13.15
C GLU B 452 2.35 14.78 -12.86
N ARG B 453 1.79 13.58 -12.72
CA ARG B 453 2.63 12.41 -12.48
C ARG B 453 3.64 12.23 -13.61
N ILE B 454 3.22 12.43 -14.85
CA ILE B 454 4.15 12.24 -15.96
C ILE B 454 5.31 13.19 -15.84
N GLU B 455 5.07 14.42 -15.40
CA GLU B 455 6.17 15.35 -15.23
C GLU B 455 7.14 14.87 -14.15
N PHE B 456 6.63 14.30 -13.06
CA PHE B 456 7.53 13.71 -12.07
C PHE B 456 8.27 12.50 -12.62
N TRP B 457 7.59 11.69 -13.41
CA TRP B 457 8.18 10.45 -13.88
C TRP B 457 9.35 10.69 -14.82
N LYS B 458 9.46 11.89 -15.38
CA LYS B 458 10.61 12.19 -16.21
C LYS B 458 11.90 12.19 -15.41
N HIS B 459 11.82 12.35 -14.08
CA HIS B 459 13.02 12.32 -13.24
C HIS B 459 12.99 11.34 -12.08
N LYS B 460 11.84 10.74 -11.76
CA LYS B 460 11.77 9.67 -10.76
C LYS B 460 10.86 8.60 -11.32
N VAL B 461 11.40 7.39 -11.53
CA VAL B 461 10.58 6.30 -12.06
C VAL B 461 9.36 6.12 -11.18
N PRO B 462 8.25 5.66 -11.73
CA PRO B 462 7.03 5.47 -10.93
C PRO B 462 7.29 4.66 -9.67
N ASP B 463 6.66 5.09 -8.59
CA ASP B 463 6.71 4.39 -7.32
C ASP B 463 5.44 4.71 -6.56
N ALA B 464 5.37 4.22 -5.31
CA ALA B 464 4.14 4.39 -4.53
C ALA B 464 3.81 5.86 -4.31
N GLU B 465 4.81 6.72 -4.20
CA GLU B 465 4.56 8.14 -3.97
C GLU B 465 3.91 8.83 -5.17
N THR B 466 4.17 8.38 -6.40
CA THR B 466 3.73 9.11 -7.57
C THR B 466 2.68 8.38 -8.41
N VAL B 467 2.20 7.25 -7.97
CA VAL B 467 1.14 6.59 -8.71
CA VAL B 467 1.15 6.51 -8.65
C VAL B 467 -0.17 6.88 -8.01
N TYR B 468 -1.25 6.81 -8.78
CA TYR B 468 -2.62 6.99 -8.27
C TYR B 468 -2.71 6.31 -6.92
N PRO B 469 -3.09 7.05 -5.86
CA PRO B 469 -2.81 6.58 -4.49
C PRO B 469 -3.82 5.60 -3.93
N TYR B 470 -4.94 5.38 -4.62
CA TYR B 470 -5.97 4.47 -4.14
C TYR B 470 -5.83 3.14 -4.86
N TYR B 471 -6.31 2.08 -4.23
CA TYR B 471 -6.21 0.76 -4.84
C TYR B 471 -6.85 0.76 -6.22
N HIS B 472 -6.09 0.32 -7.22
CA HIS B 472 -6.67 0.09 -8.54
C HIS B 472 -6.03 -1.11 -9.21
N GLY B 473 -5.43 -2.00 -8.42
CA GLY B 473 -4.91 -3.27 -8.91
C GLY B 473 -3.57 -3.20 -9.59
N LEU B 474 -2.91 -2.05 -9.58
CA LEU B 474 -1.70 -1.85 -10.36
C LEU B 474 -0.58 -1.35 -9.47
N PRO B 475 0.34 -2.22 -9.07
CA PRO B 475 1.51 -1.77 -8.32
C PRO B 475 2.44 -0.94 -9.20
N PRO B 476 3.37 -0.20 -8.60
CA PRO B 476 4.22 0.70 -9.40
C PRO B 476 5.01 0.01 -10.52
N TYR B 477 5.41 -1.26 -10.37
CA TYR B 477 6.19 -1.89 -11.44
C TYR B 477 5.42 -1.90 -12.74
N SER B 478 4.09 -1.99 -12.68
CA SER B 478 3.28 -1.97 -13.89
C SER B 478 3.50 -0.69 -14.67
N TYR B 479 3.50 0.44 -13.96
CA TYR B 479 3.72 1.73 -14.60
C TYR B 479 5.12 1.82 -15.19
N ASN B 480 6.11 1.26 -14.49
CA ASN B 480 7.46 1.22 -15.03
C ASN B 480 7.54 0.45 -16.34
N CYS B 481 6.91 -0.72 -16.39
CA CYS B 481 6.94 -1.54 -17.60
C CYS B 481 6.38 -0.80 -18.79
N ILE B 482 5.24 -0.12 -18.60
CA ILE B 482 4.62 0.60 -19.70
C ILE B 482 5.46 1.81 -20.08
N LEU B 483 5.87 2.60 -19.08
CA LEU B 483 6.62 3.81 -19.37
C LEU B 483 7.90 3.51 -20.13
N LEU B 484 8.68 2.53 -19.64
CA LEU B 484 9.94 2.23 -20.30
C LEU B 484 9.73 1.49 -21.62
N GLY B 485 8.72 0.60 -21.69
CA GLY B 485 8.50 -0.15 -22.92
C GLY B 485 8.01 0.72 -24.06
N MET B 486 7.03 1.58 -23.77
CA MET B 486 6.43 2.42 -24.80
C MET B 486 7.44 3.36 -25.43
N GLY B 487 8.38 3.86 -24.62
CA GLY B 487 9.56 4.54 -25.12
C GLY B 487 9.36 5.97 -25.57
N GLY B 488 8.18 6.55 -25.40
CA GLY B 488 7.92 7.89 -25.90
C GLY B 488 8.21 9.02 -24.94
N ILE B 489 8.46 8.72 -23.67
CA ILE B 489 8.79 9.72 -22.68
C ILE B 489 10.17 9.40 -22.12
N ASP B 490 11.08 10.39 -22.18
CA ASP B 490 12.42 10.18 -21.66
C ASP B 490 12.39 10.18 -20.14
N VAL B 491 13.01 9.17 -19.53
CA VAL B 491 13.03 9.02 -18.07
C VAL B 491 14.48 8.99 -17.61
N ASN B 492 14.78 9.79 -16.58
CA ASN B 492 16.12 9.89 -16.04
C ASN B 492 16.25 9.03 -14.79
N TYR B 493 17.41 8.40 -14.63
CA TYR B 493 17.64 7.68 -13.38
C TYR B 493 17.91 8.68 -12.25
N SER B 494 17.74 8.20 -11.02
CA SER B 494 17.88 9.07 -9.86
C SER B 494 19.33 9.51 -9.68
N PRO B 495 19.60 10.80 -9.48
CA PRO B 495 20.99 11.25 -9.27
C PRO B 495 21.73 10.51 -8.15
N ALA B 496 21.02 10.02 -7.12
CA ALA B 496 21.69 9.29 -6.05
C ALA B 496 22.44 8.08 -6.58
N LEU B 497 21.99 7.48 -7.68
CA LEU B 497 22.63 6.28 -8.17
C LEU B 497 24.04 6.54 -8.66
N ASP B 498 24.38 7.80 -8.95
CA ASP B 498 25.76 8.12 -9.29
C ASP B 498 26.71 7.90 -8.12
N TRP B 499 26.22 7.95 -6.89
CA TRP B 499 27.08 7.80 -5.73
C TRP B 499 26.83 6.51 -4.97
N ALA B 500 25.78 5.78 -5.30
CA ALA B 500 25.50 4.54 -4.62
C ALA B 500 26.31 3.42 -5.24
N ASN B 501 26.78 2.51 -4.42
CA ASN B 501 27.53 1.37 -4.92
C ASN B 501 26.59 0.44 -5.66
N GLU B 502 26.95 0.07 -6.89
CA GLU B 502 26.06 -0.70 -7.74
C GLU B 502 26.31 -2.18 -7.67
N LYS B 503 27.14 -2.65 -6.73
CA LYS B 503 27.44 -4.08 -6.65
C LYS B 503 26.18 -4.91 -6.50
N ALA B 504 25.29 -4.51 -5.58
CA ALA B 504 24.10 -5.31 -5.33
C ALA B 504 23.19 -5.31 -6.55
N ALA B 505 23.12 -4.19 -7.28
CA ALA B 505 22.27 -4.12 -8.44
C ALA B 505 22.79 -5.01 -9.55
N LEU B 506 24.10 -4.97 -9.80
CA LEU B 506 24.67 -5.88 -10.79
C LEU B 506 24.38 -7.33 -10.42
N ALA B 507 24.46 -7.65 -9.13
CA ALA B 507 24.23 -9.02 -8.69
C ALA B 507 22.78 -9.42 -8.91
N GLU B 508 21.85 -8.49 -8.73
CA GLU B 508 20.45 -8.83 -8.92
C GLU B 508 20.12 -9.03 -10.39
N PHE B 509 20.65 -8.18 -11.27
CA PHE B 509 20.48 -8.39 -12.69
C PHE B 509 21.08 -9.72 -13.13
N GLU B 510 22.24 -10.07 -12.59
CA GLU B 510 22.85 -11.35 -12.94
C GLU B 510 22.01 -12.51 -12.44
N ARG B 511 21.44 -12.39 -11.23
CA ARG B 511 20.61 -13.45 -10.70
C ARG B 511 19.39 -13.67 -11.58
N ILE B 512 18.78 -12.59 -12.06
CA ILE B 512 17.61 -12.73 -12.92
C ILE B 512 17.98 -13.37 -14.24
N ARG B 513 19.10 -12.94 -14.83
CA ARG B 513 19.55 -13.52 -16.10
C ARG B 513 19.84 -15.01 -15.95
N VAL B 514 20.52 -15.39 -14.88
CA VAL B 514 20.85 -16.81 -14.66
C VAL B 514 19.59 -17.62 -14.46
N LYS B 515 18.66 -17.12 -13.65
CA LYS B 515 17.42 -17.82 -13.41
C LYS B 515 16.63 -17.97 -14.71
N ALA B 516 16.53 -16.88 -15.50
CA ALA B 516 15.74 -16.94 -16.73
C ALA B 516 16.31 -17.95 -17.71
N GLU B 517 17.63 -17.94 -17.92
CA GLU B 517 18.17 -18.89 -18.88
C GLU B 517 18.03 -20.32 -18.40
N LYS B 518 18.10 -20.56 -17.09
CA LYS B 518 17.86 -21.89 -16.55
C LYS B 518 16.40 -22.31 -16.76
N LEU B 519 15.46 -21.43 -16.40
CA LEU B 519 14.05 -21.80 -16.50
C LEU B 519 13.68 -22.14 -17.91
N VAL B 520 14.20 -21.37 -18.89
CA VAL B 520 13.82 -21.57 -20.29
C VAL B 520 14.25 -22.94 -20.78
N GLN B 521 15.33 -23.49 -20.23
CA GLN B 521 15.78 -24.82 -20.63
C GLN B 521 15.00 -25.93 -19.95
N GLU B 522 14.36 -25.65 -18.84
CA GLU B 522 13.80 -26.70 -17.99
C GLU B 522 12.29 -26.82 -18.06
N LEU B 523 11.60 -25.73 -18.30
CA LEU B 523 10.14 -25.76 -18.23
C LEU B 523 9.52 -26.39 -19.47
N PRO B 524 8.39 -27.06 -19.33
CA PRO B 524 7.70 -27.64 -20.48
C PRO B 524 6.94 -26.56 -21.22
N THR B 525 6.50 -26.89 -22.42
CA THR B 525 5.58 -25.99 -23.11
C THR B 525 4.20 -26.11 -22.47
N GLN B 526 3.36 -25.11 -22.73
CA GLN B 526 1.98 -25.22 -22.28
C GLN B 526 1.30 -26.43 -22.91
N ASN B 527 1.58 -26.68 -24.20
CA ASN B 527 1.03 -27.86 -24.86
C ASN B 527 1.29 -29.13 -24.05
N GLU B 528 2.55 -29.35 -23.68
CA GLU B 528 2.87 -30.55 -22.90
C GLU B 528 2.20 -30.52 -21.55
N TYR B 529 2.23 -29.36 -20.90
CA TYR B 529 1.68 -29.24 -19.56
C TYR B 529 0.21 -29.61 -19.55
N PHE B 530 -0.57 -29.04 -20.47
CA PHE B 530 -2.00 -29.28 -20.42
C PHE B 530 -2.36 -30.64 -20.97
N ALA B 531 -1.56 -31.18 -21.89
CA ALA B 531 -1.76 -32.58 -22.28
C ALA B 531 -1.66 -33.50 -21.08
N ALA B 532 -0.67 -33.28 -20.21
CA ALA B 532 -0.52 -34.09 -19.03
C ALA B 532 -1.63 -33.82 -18.02
N MET B 533 -2.08 -32.56 -17.92
CA MET B 533 -3.19 -32.24 -17.03
C MET B 533 -4.45 -33.00 -17.43
N ARG B 534 -4.76 -33.01 -18.73
CA ARG B 534 -5.92 -33.75 -19.19
C ARG B 534 -5.72 -35.24 -18.97
N ALA B 535 -4.51 -35.73 -19.21
CA ALA B 535 -4.17 -37.13 -18.94
C ALA B 535 -4.14 -37.40 -17.44
PA FAD C . 18.42 18.06 19.36
O1A FAD C . 18.61 16.82 20.13
O2A FAD C . 17.90 19.32 20.00
O5B FAD C . 19.83 18.36 18.74
C5B FAD C . 20.08 19.62 18.10
C4B FAD C . 21.56 19.68 17.82
O4B FAD C . 21.83 20.91 17.13
C3B FAD C . 22.45 19.68 19.07
O3B FAD C . 23.63 18.93 18.77
C2B FAD C . 22.79 21.15 19.24
O2B FAD C . 24.03 21.38 19.89
C1B FAD C . 22.90 21.55 17.78
N9A FAD C . 22.85 22.98 17.53
C8A FAD C . 21.83 23.87 17.77
N7A FAD C . 22.13 25.10 17.45
C5A FAD C . 23.43 25.03 16.99
C6A FAD C . 24.32 25.98 16.49
N6A FAD C . 24.03 27.29 16.38
N1A FAD C . 25.54 25.57 16.11
C2A FAD C . 25.85 24.28 16.22
N3A FAD C . 25.09 23.27 16.67
C4A FAD C . 23.88 23.72 17.04
N1 FAD C . 11.69 10.42 19.43
C2 FAD C . 11.59 9.06 19.37
O2 FAD C . 11.87 8.43 18.34
N3 FAD C . 11.12 8.36 20.46
C4 FAD C . 10.72 8.91 21.66
O4 FAD C . 10.33 8.19 22.57
C4X FAD C . 10.84 10.35 21.72
N5 FAD C . 10.49 10.96 22.82
C5X FAD C . 10.56 12.36 22.85
C6 FAD C . 10.16 13.04 23.99
C7 FAD C . 10.23 14.43 24.04
C7M FAD C . 9.81 15.13 25.32
C8 FAD C . 10.72 15.15 22.95
C8M FAD C . 10.83 16.66 22.99
C9 FAD C . 11.12 14.47 21.81
C9A FAD C . 11.05 13.08 21.76
N10 FAD C . 11.37 12.38 20.59
C10 FAD C . 11.32 11.02 20.55
C1' FAD C . 11.94 13.06 19.47
C2' FAD C . 13.45 13.05 19.55
O2' FAD C . 13.92 13.79 20.68
C3' FAD C . 14.02 13.57 18.24
O3' FAD C . 13.35 12.80 17.26
C4' FAD C . 15.52 13.28 18.20
O4' FAD C . 16.08 13.34 19.51
C5' FAD C . 16.27 14.19 17.24
O5' FAD C . 16.51 15.46 17.88
P FAD C . 17.32 16.58 17.11
O1P FAD C . 18.69 15.96 16.82
O2P FAD C . 16.53 16.99 15.94
O3P FAD C . 17.48 17.80 18.11
S SO4 D . 33.32 -0.16 12.94
O1 SO4 D . 33.08 1.28 12.88
O2 SO4 D . 34.46 -0.42 13.79
O3 SO4 D . 33.58 -0.67 11.59
O4 SO4 D . 32.11 -0.81 13.46
S SO4 E . 12.82 21.16 -12.43
O1 SO4 E . 11.76 22.14 -12.70
O2 SO4 E . 13.89 21.74 -11.62
O3 SO4 E . 13.38 20.71 -13.71
O4 SO4 E . 12.24 20.02 -11.71
PA FAD F . -23.10 -9.51 -20.98
O1A FAD F . -22.09 -10.49 -21.43
O2A FAD F . -23.65 -8.56 -22.01
O5B FAD F . -24.27 -10.24 -20.27
C5B FAD F . -25.55 -9.60 -20.09
C4B FAD F . -26.48 -10.66 -19.56
O4B FAD F . -27.69 -10.03 -19.09
C3B FAD F . -26.91 -11.72 -20.57
O3B FAD F . -27.03 -12.99 -19.94
C2B FAD F . -28.30 -11.23 -20.99
O2B FAD F . -29.16 -12.26 -21.44
C1B FAD F . -28.79 -10.71 -19.65
N9A FAD F . -29.92 -9.81 -19.76
C8A FAD F . -29.99 -8.58 -20.38
N7A FAD F . -31.18 -8.03 -20.33
C5A FAD F . -31.94 -8.96 -19.65
C6A FAD F . -33.30 -8.99 -19.28
N6A FAD F . -34.17 -8.01 -19.54
N1A FAD F . -33.74 -10.07 -18.59
C2A FAD F . -32.89 -11.06 -18.34
N3A FAD F . -31.59 -11.16 -18.64
C4A FAD F . -31.19 -10.06 -19.30
N1 FAD F . -12.92 -8.66 -20.06
C2 FAD F . -11.79 -9.30 -19.66
O2 FAD F . -11.63 -9.64 -18.48
N3 FAD F . -10.79 -9.59 -20.56
C4 FAD F . -10.81 -9.28 -21.91
O4 FAD F . -9.86 -9.59 -22.63
C4X FAD F . -12.01 -8.59 -22.33
N5 FAD F . -12.11 -8.25 -23.59
C5X FAD F . -13.26 -7.56 -23.99
C6 FAD F . -13.40 -7.17 -25.31
C7 FAD F . -14.53 -6.48 -25.74
C7M FAD F . -14.65 -6.09 -27.19
C8 FAD F . -15.56 -6.20 -24.83
C8M FAD F . -16.81 -5.47 -25.26
C9 FAD F . -15.43 -6.59 -23.51
C9A FAD F . -14.29 -7.26 -23.08
N10 FAD F . -14.11 -7.64 -21.74
C10 FAD F . -13.00 -8.32 -21.34
C1' FAD F . -15.15 -7.39 -20.77
C2' FAD F . -16.04 -8.61 -20.59
O2' FAD F . -16.66 -8.96 -21.83
C3' FAD F . -17.10 -8.32 -19.54
O3' FAD F . -16.45 -7.76 -18.41
C4' FAD F . -17.72 -9.65 -19.13
O4' FAD F . -17.93 -10.46 -20.29
C5' FAD F . -19.00 -9.45 -18.35
O5' FAD F . -20.06 -9.02 -19.23
P FAD F . -21.52 -8.87 -18.65
O1P FAD F . -21.85 -10.21 -18.01
O2P FAD F . -21.47 -7.69 -17.78
O3P FAD F . -22.50 -8.59 -19.85
S SO4 G . -18.44 -29.49 -8.20
O1 SO4 G . -17.29 -28.67 -8.59
O2 SO4 G . -18.23 -29.99 -6.84
O3 SO4 G . -19.67 -28.70 -8.24
O4 SO4 G . -18.59 -30.62 -9.12
S SO4 H . -26.07 5.02 7.75
O1 SO4 H . -24.68 4.71 7.39
O2 SO4 H . -26.28 4.70 9.16
O3 SO4 H . -26.30 6.44 7.54
O4 SO4 H . -26.99 4.20 6.95
#